data_1CIS
#
_entry.id   1CIS
#
_cell.length_a   1.000
_cell.length_b   1.000
_cell.length_c   1.000
_cell.angle_alpha   90.00
_cell.angle_beta   90.00
_cell.angle_gamma   90.00
#
_symmetry.space_group_name_H-M   'P 1'
#
_entity_poly.entity_id   1
_entity_poly.type   'polypeptide(L)'
_entity_poly.pdbx_seq_one_letter_code
;MKTEWPELVGKSVEEAKKVILQDKPEAQIIVLEKQAVDNAYAEYRIDRVRLAVDKLDNIAQVPRVG
;
_entity_poly.pdbx_strand_id   A
#
# COMPACT_ATOMS: atom_id res chain seq x y z
N MET A 1 13.30 1.69 -7.95
CA MET A 1 12.78 1.41 -6.58
C MET A 1 11.51 0.56 -6.73
N LYS A 2 10.79 0.33 -5.67
CA LYS A 2 9.54 -0.49 -5.73
C LYS A 2 8.25 0.31 -5.70
N THR A 3 7.30 -0.33 -6.31
CA THR A 3 5.90 0.19 -6.46
C THR A 3 4.90 -0.83 -5.93
N GLU A 4 5.40 -2.01 -5.62
CA GLU A 4 4.54 -3.12 -5.08
C GLU A 4 5.22 -3.66 -3.81
N TRP A 5 4.46 -4.00 -2.78
CA TRP A 5 5.13 -4.53 -1.55
C TRP A 5 4.72 -5.91 -1.03
N PRO A 6 4.82 -6.92 -1.86
CA PRO A 6 4.46 -8.30 -1.43
C PRO A 6 5.19 -8.76 -0.15
N GLU A 7 6.26 -8.08 0.17
CA GLU A 7 7.10 -8.37 1.36
C GLU A 7 6.41 -7.98 2.67
N LEU A 8 5.56 -7.00 2.56
CA LEU A 8 4.80 -6.47 3.73
C LEU A 8 3.62 -7.33 4.12
N VAL A 9 3.03 -8.02 3.18
CA VAL A 9 1.88 -8.89 3.52
C VAL A 9 2.21 -9.67 4.83
N GLY A 10 1.33 -9.63 5.79
CA GLY A 10 1.57 -10.34 7.10
C GLY A 10 2.33 -9.46 8.12
N LYS A 11 2.65 -8.25 7.73
CA LYS A 11 3.39 -7.28 8.63
C LYS A 11 2.53 -6.10 9.11
N SER A 12 3.10 -5.15 9.83
CA SER A 12 2.24 -3.99 10.31
C SER A 12 2.11 -2.92 9.22
N VAL A 13 1.00 -2.24 9.26
CA VAL A 13 0.80 -1.19 8.23
C VAL A 13 1.76 -0.04 8.44
N GLU A 14 1.95 0.43 9.63
CA GLU A 14 2.90 1.55 9.83
C GLU A 14 4.29 1.13 9.33
N GLU A 15 4.70 -0.09 9.59
CA GLU A 15 6.03 -0.54 9.09
C GLU A 15 5.92 -0.50 7.55
N ALA A 16 4.87 -1.09 7.03
CA ALA A 16 4.65 -1.09 5.56
C ALA A 16 4.89 0.31 5.04
N LYS A 17 4.26 1.25 5.68
CA LYS A 17 4.42 2.66 5.28
C LYS A 17 5.91 2.93 5.31
N LYS A 18 6.59 2.69 6.39
CA LYS A 18 8.07 2.94 6.41
C LYS A 18 8.76 2.33 5.16
N VAL A 19 8.45 1.09 4.86
CA VAL A 19 9.05 0.41 3.67
C VAL A 19 8.66 1.20 2.42
N ILE A 20 7.39 1.36 2.24
CA ILE A 20 6.88 2.10 1.06
C ILE A 20 7.62 3.43 0.97
N LEU A 21 7.78 4.14 2.05
CA LEU A 21 8.53 5.41 1.95
C LEU A 21 9.98 5.06 1.56
N GLN A 22 10.57 4.04 2.14
CA GLN A 22 11.96 3.65 1.80
C GLN A 22 12.13 3.59 0.28
N ASP A 23 11.17 2.93 -0.31
CA ASP A 23 11.08 2.72 -1.76
C ASP A 23 10.73 3.98 -2.54
N LYS A 24 9.64 4.52 -2.13
CA LYS A 24 9.05 5.74 -2.72
C LYS A 24 8.89 6.85 -1.64
N PRO A 25 9.99 7.47 -1.25
CA PRO A 25 10.05 8.42 -0.09
C PRO A 25 8.88 9.39 0.02
N GLU A 26 8.55 9.97 -1.09
CA GLU A 26 7.44 10.93 -1.18
C GLU A 26 6.03 10.33 -1.22
N ALA A 27 5.93 9.04 -1.30
CA ALA A 27 4.60 8.36 -1.36
C ALA A 27 3.45 8.78 -0.41
N GLN A 28 2.31 8.83 -1.05
CA GLN A 28 1.04 9.19 -0.35
C GLN A 28 0.58 7.78 -0.01
N ILE A 29 0.79 7.42 1.21
CA ILE A 29 0.39 6.06 1.68
C ILE A 29 -1.06 6.12 2.20
N ILE A 30 -1.92 5.51 1.44
CA ILE A 30 -3.39 5.42 1.71
C ILE A 30 -3.83 4.04 2.21
N VAL A 31 -4.98 3.89 2.84
CA VAL A 31 -5.47 2.57 3.35
C VAL A 31 -6.94 2.15 3.00
N LEU A 32 -7.11 0.88 2.72
CA LEU A 32 -8.41 0.19 2.37
C LEU A 32 -8.17 -1.30 2.78
N GLU A 33 -8.90 -2.22 2.23
CA GLU A 33 -8.68 -3.66 2.59
C GLU A 33 -7.94 -4.34 1.40
N LYS A 34 -7.90 -5.65 1.39
CA LYS A 34 -7.24 -6.51 0.33
C LYS A 34 -7.20 -6.01 -1.15
N GLN A 35 -7.03 -6.90 -2.08
CA GLN A 35 -6.99 -6.46 -3.53
C GLN A 35 -8.45 -6.27 -4.08
N ALA A 36 -9.18 -5.53 -3.29
CA ALA A 36 -10.60 -5.17 -3.54
C ALA A 36 -10.69 -3.68 -3.94
N VAL A 37 -10.34 -3.45 -5.18
CA VAL A 37 -10.38 -2.06 -5.72
C VAL A 37 -11.28 -2.12 -6.94
N ASP A 38 -12.44 -1.60 -6.75
CA ASP A 38 -13.51 -1.54 -7.79
C ASP A 38 -13.92 -0.11 -8.11
N ASN A 39 -14.50 0.38 -7.09
CA ASN A 39 -15.06 1.78 -7.01
C ASN A 39 -13.94 2.88 -6.96
N ALA A 40 -13.13 2.90 -7.99
CA ALA A 40 -12.01 3.88 -8.09
C ALA A 40 -12.23 5.12 -9.01
N TYR A 41 -11.28 5.99 -8.84
CA TYR A 41 -11.11 7.30 -9.53
C TYR A 41 -10.17 7.16 -10.76
N ALA A 42 -9.93 8.26 -11.44
CA ALA A 42 -9.05 8.28 -12.67
C ALA A 42 -7.70 7.46 -12.70
N GLU A 43 -6.95 7.70 -13.74
CA GLU A 43 -5.63 7.05 -14.04
C GLU A 43 -4.66 6.84 -12.84
N TYR A 44 -3.71 5.95 -13.03
CA TYR A 44 -2.67 5.55 -12.00
C TYR A 44 -2.03 6.66 -11.12
N ARG A 45 -1.45 6.20 -10.03
CA ARG A 45 -0.79 7.10 -9.05
C ARG A 45 0.67 6.79 -8.63
N ILE A 46 1.61 7.04 -9.49
CA ILE A 46 3.06 6.78 -9.17
C ILE A 46 3.62 7.62 -7.98
N ASP A 47 2.70 8.30 -7.37
CA ASP A 47 2.78 9.23 -6.19
C ASP A 47 2.28 8.58 -4.88
N ARG A 48 1.15 7.95 -5.05
CA ARG A 48 0.39 7.23 -3.98
C ARG A 48 0.59 5.71 -3.98
N VAL A 49 0.31 5.16 -2.83
CA VAL A 49 0.39 3.68 -2.58
C VAL A 49 -0.86 3.45 -1.75
N ARG A 50 -1.68 2.50 -2.05
CA ARG A 50 -2.91 2.32 -1.19
C ARG A 50 -2.47 1.12 -0.38
N LEU A 51 -3.03 1.01 0.77
CA LEU A 51 -2.62 -0.14 1.63
C LEU A 51 -3.82 -1.00 1.92
N ALA A 52 -3.63 -2.25 1.62
CA ALA A 52 -4.70 -3.26 1.82
C ALA A 52 -4.42 -3.96 3.18
N VAL A 53 -4.99 -3.43 4.23
CA VAL A 53 -4.77 -4.02 5.61
C VAL A 53 -5.95 -4.77 6.22
N ASP A 54 -5.64 -5.48 7.27
CA ASP A 54 -6.67 -6.27 7.98
C ASP A 54 -7.13 -5.56 9.26
N LYS A 55 -8.01 -6.23 9.95
CA LYS A 55 -8.55 -5.68 11.20
C LYS A 55 -7.50 -5.41 12.28
N LEU A 56 -6.30 -5.80 11.99
CA LEU A 56 -5.20 -5.59 12.96
C LEU A 56 -4.15 -4.74 12.27
N ASP A 57 -4.63 -3.73 11.60
CA ASP A 57 -3.76 -2.78 10.84
C ASP A 57 -2.42 -3.38 10.33
N ASN A 58 -2.52 -4.60 9.83
CA ASN A 58 -1.33 -5.32 9.28
C ASN A 58 -1.64 -5.36 7.79
N ILE A 59 -0.67 -5.71 7.01
CA ILE A 59 -0.87 -5.77 5.54
C ILE A 59 -1.47 -7.08 5.22
N ALA A 60 -2.71 -6.98 4.86
CA ALA A 60 -3.46 -8.21 4.51
C ALA A 60 -2.99 -8.60 3.11
N GLN A 61 -2.79 -7.64 2.25
CA GLN A 61 -2.32 -8.02 0.86
C GLN A 61 -1.19 -7.17 0.28
N VAL A 62 -0.85 -7.40 -0.96
CA VAL A 62 0.25 -6.61 -1.60
C VAL A 62 -0.27 -5.17 -1.75
N PRO A 63 0.25 -4.20 -1.04
CA PRO A 63 -0.20 -2.80 -1.24
C PRO A 63 0.59 -2.35 -2.50
N ARG A 64 0.01 -1.54 -3.33
CA ARG A 64 0.68 -1.08 -4.58
C ARG A 64 0.58 0.44 -4.75
N VAL A 65 1.54 1.02 -5.42
CA VAL A 65 1.54 2.49 -5.67
C VAL A 65 0.17 2.93 -6.17
N GLY A 66 0.02 2.70 -7.44
CA GLY A 66 -1.24 3.03 -8.13
C GLY A 66 -1.93 1.73 -8.54
N MET A 1 13.55 1.09 -7.66
CA MET A 1 12.95 1.04 -6.28
C MET A 1 11.68 0.19 -6.42
N LYS A 2 10.93 0.02 -5.37
CA LYS A 2 9.68 -0.81 -5.46
C LYS A 2 8.43 0.06 -5.48
N THR A 3 7.50 -0.53 -6.16
CA THR A 3 6.13 0.01 -6.38
C THR A 3 5.07 -0.90 -5.83
N GLU A 4 5.46 -2.13 -5.63
CA GLU A 4 4.47 -3.11 -5.06
C GLU A 4 5.13 -3.69 -3.83
N TRP A 5 4.39 -3.91 -2.79
CA TRP A 5 5.05 -4.49 -1.58
C TRP A 5 4.59 -5.89 -1.18
N PRO A 6 4.92 -6.88 -1.99
CA PRO A 6 4.70 -8.29 -1.56
C PRO A 6 5.43 -8.42 -0.22
N GLU A 7 6.66 -7.97 -0.28
CA GLU A 7 7.61 -7.95 0.87
C GLU A 7 6.93 -7.58 2.22
N LEU A 8 5.91 -6.77 2.16
CA LEU A 8 5.15 -6.30 3.37
C LEU A 8 3.92 -7.11 3.77
N VAL A 9 3.41 -7.95 2.93
CA VAL A 9 2.20 -8.73 3.34
C VAL A 9 2.55 -9.52 4.61
N GLY A 10 1.71 -9.42 5.60
CA GLY A 10 1.98 -10.15 6.88
C GLY A 10 2.70 -9.25 7.89
N LYS A 11 3.06 -8.04 7.52
CA LYS A 11 3.78 -7.13 8.49
C LYS A 11 2.83 -6.00 8.99
N SER A 12 3.27 -5.13 9.88
CA SER A 12 2.36 -4.04 10.37
C SER A 12 2.24 -2.92 9.36
N VAL A 13 1.16 -2.21 9.47
CA VAL A 13 1.00 -1.10 8.51
C VAL A 13 2.04 0.02 8.75
N GLU A 14 2.18 0.62 9.91
CA GLU A 14 3.21 1.70 10.02
C GLU A 14 4.57 1.18 9.52
N GLU A 15 4.95 -0.03 9.84
CA GLU A 15 6.26 -0.50 9.32
C GLU A 15 6.09 -0.51 7.78
N ALA A 16 5.05 -1.10 7.28
CA ALA A 16 4.83 -1.12 5.80
C ALA A 16 5.06 0.25 5.20
N LYS A 17 4.50 1.22 5.85
CA LYS A 17 4.60 2.64 5.42
C LYS A 17 6.05 3.01 5.41
N LYS A 18 6.72 2.79 6.50
CA LYS A 18 8.15 3.12 6.56
C LYS A 18 8.83 2.49 5.34
N VAL A 19 8.51 1.27 5.08
CA VAL A 19 9.13 0.56 3.91
C VAL A 19 8.76 1.32 2.63
N ILE A 20 7.50 1.46 2.42
CA ILE A 20 6.96 2.16 1.24
C ILE A 20 7.70 3.48 1.11
N LEU A 21 7.94 4.17 2.19
CA LEU A 21 8.70 5.45 2.07
C LEU A 21 10.14 5.07 1.65
N GLN A 22 10.72 4.07 2.26
CA GLN A 22 12.11 3.65 1.90
C GLN A 22 12.20 3.43 0.36
N ASP A 23 11.17 2.84 -0.18
CA ASP A 23 11.07 2.55 -1.63
C ASP A 23 10.72 3.81 -2.44
N LYS A 24 9.67 4.41 -2.00
CA LYS A 24 9.09 5.63 -2.59
C LYS A 24 8.94 6.74 -1.51
N PRO A 25 10.04 7.37 -1.17
CA PRO A 25 10.08 8.44 -0.11
C PRO A 25 8.93 9.44 -0.18
N GLU A 26 8.60 9.89 -1.37
CA GLU A 26 7.49 10.88 -1.57
C GLU A 26 6.10 10.20 -1.64
N ALA A 27 6.08 8.95 -1.29
CA ALA A 27 4.79 8.24 -1.33
C ALA A 27 3.60 8.71 -0.46
N GLN A 28 2.52 8.88 -1.16
CA GLN A 28 1.24 9.31 -0.55
C GLN A 28 0.64 7.94 -0.20
N ILE A 29 1.08 7.48 0.93
CA ILE A 29 0.64 6.15 1.47
C ILE A 29 -0.78 6.24 2.06
N ILE A 30 -1.67 5.71 1.28
CA ILE A 30 -3.14 5.63 1.55
C ILE A 30 -3.48 4.27 2.14
N VAL A 31 -4.55 4.16 2.88
CA VAL A 31 -4.95 2.87 3.49
C VAL A 31 -6.40 2.55 3.11
N LEU A 32 -6.65 1.31 2.83
CA LEU A 32 -7.99 0.78 2.44
C LEU A 32 -8.03 -0.67 2.99
N GLU A 33 -8.97 -1.38 2.42
CA GLU A 33 -9.24 -2.81 2.76
C GLU A 33 -8.64 -3.77 1.67
N LYS A 34 -9.18 -4.96 1.69
CA LYS A 34 -8.82 -6.08 0.77
C LYS A 34 -9.10 -5.64 -0.69
N GLN A 35 -8.77 -6.45 -1.67
CA GLN A 35 -9.02 -6.06 -3.12
C GLN A 35 -10.45 -5.63 -3.59
N ALA A 36 -10.96 -4.56 -3.06
CA ALA A 36 -12.32 -4.05 -3.42
C ALA A 36 -12.16 -2.79 -4.32
N VAL A 37 -11.45 -2.97 -5.40
CA VAL A 37 -11.24 -1.83 -6.37
C VAL A 37 -11.71 -2.18 -7.77
N ASP A 38 -12.63 -1.36 -8.15
CA ASP A 38 -13.30 -1.41 -9.47
C ASP A 38 -12.84 -0.09 -10.14
N ASN A 39 -13.32 0.16 -11.32
CA ASN A 39 -12.91 1.44 -12.00
C ASN A 39 -13.89 2.55 -11.50
N ALA A 40 -14.09 2.50 -10.21
CA ALA A 40 -14.97 3.43 -9.44
C ALA A 40 -14.11 4.44 -8.61
N TYR A 41 -12.95 3.92 -8.29
CA TYR A 41 -11.90 4.61 -7.49
C TYR A 41 -10.85 5.33 -8.39
N ALA A 42 -9.82 5.86 -7.77
CA ALA A 42 -8.74 6.58 -8.54
C ALA A 42 -7.85 5.63 -9.38
N GLU A 43 -7.04 6.25 -10.19
CA GLU A 43 -6.13 5.50 -11.08
C GLU A 43 -4.63 5.44 -10.69
N TYR A 44 -3.86 5.25 -11.71
CA TYR A 44 -2.40 5.16 -11.53
C TYR A 44 -1.73 6.51 -11.22
N ARG A 45 -1.40 6.58 -9.97
CA ARG A 45 -0.73 7.78 -9.42
C ARG A 45 0.62 7.21 -8.99
N ILE A 46 1.64 7.54 -9.73
CA ILE A 46 3.00 7.02 -9.38
C ILE A 46 3.52 7.52 -8.01
N ASP A 47 2.89 8.55 -7.54
CA ASP A 47 3.19 9.22 -6.25
C ASP A 47 2.51 8.58 -4.99
N ARG A 48 1.38 7.97 -5.20
CA ARG A 48 0.56 7.30 -4.12
C ARG A 48 0.96 5.82 -3.90
N VAL A 49 0.42 5.24 -2.84
CA VAL A 49 0.62 3.79 -2.47
C VAL A 49 -0.59 3.45 -1.60
N ARG A 50 -1.48 2.64 -2.09
CA ARG A 50 -2.70 2.29 -1.26
C ARG A 50 -2.26 1.07 -0.46
N LEU A 51 -2.71 1.05 0.76
CA LEU A 51 -2.34 -0.07 1.67
C LEU A 51 -3.57 -0.89 1.99
N ALA A 52 -3.48 -2.16 1.73
CA ALA A 52 -4.63 -3.07 1.99
C ALA A 52 -4.29 -3.84 3.28
N VAL A 53 -4.75 -3.31 4.36
CA VAL A 53 -4.50 -3.98 5.69
C VAL A 53 -5.77 -4.66 6.14
N ASP A 54 -5.69 -5.52 7.12
CA ASP A 54 -6.95 -6.18 7.56
C ASP A 54 -7.56 -5.41 8.74
N LYS A 55 -8.06 -6.15 9.68
CA LYS A 55 -8.69 -5.61 10.91
C LYS A 55 -7.65 -5.33 11.99
N LEU A 56 -6.51 -5.94 11.79
CA LEU A 56 -5.34 -5.83 12.72
C LEU A 56 -4.23 -5.01 12.08
N ASP A 57 -4.67 -3.99 11.43
CA ASP A 57 -3.72 -3.08 10.74
C ASP A 57 -2.38 -3.73 10.22
N ASN A 58 -2.49 -4.94 9.72
CA ASN A 58 -1.31 -5.67 9.17
C ASN A 58 -1.64 -5.72 7.67
N ILE A 59 -0.62 -5.84 6.88
CA ILE A 59 -0.80 -5.88 5.41
C ILE A 59 -1.43 -7.18 4.96
N ALA A 60 -2.65 -7.01 4.57
CA ALA A 60 -3.50 -8.12 4.07
C ALA A 60 -3.08 -8.38 2.62
N GLN A 61 -2.83 -7.31 1.91
CA GLN A 61 -2.39 -7.44 0.48
C GLN A 61 -1.21 -6.61 0.05
N VAL A 62 -0.70 -7.02 -1.07
CA VAL A 62 0.46 -6.34 -1.70
C VAL A 62 0.01 -4.89 -1.96
N PRO A 63 0.44 -3.97 -1.14
CA PRO A 63 -0.07 -2.58 -1.25
C PRO A 63 0.71 -2.06 -2.50
N ARG A 64 0.11 -1.16 -3.24
CA ARG A 64 0.77 -0.63 -4.47
C ARG A 64 0.66 0.85 -4.77
N VAL A 65 1.67 1.30 -5.44
CA VAL A 65 1.75 2.72 -5.85
C VAL A 65 0.43 3.27 -6.41
N GLY A 66 0.19 2.60 -7.48
CA GLY A 66 -0.98 2.81 -8.35
C GLY A 66 -2.18 1.98 -7.92
N MET A 1 13.94 0.71 -6.62
CA MET A 1 13.04 0.91 -5.44
C MET A 1 11.79 0.08 -5.71
N LYS A 2 10.78 0.22 -4.89
CA LYS A 2 9.50 -0.52 -5.03
C LYS A 2 8.31 0.29 -5.53
N THR A 3 7.52 -0.54 -6.11
CA THR A 3 6.22 -0.24 -6.75
C THR A 3 5.18 -1.15 -6.15
N GLU A 4 5.57 -2.36 -5.87
CA GLU A 4 4.60 -3.31 -5.25
C GLU A 4 5.28 -3.71 -3.94
N TRP A 5 4.55 -3.99 -2.90
CA TRP A 5 5.25 -4.37 -1.62
C TRP A 5 4.99 -5.78 -1.06
N PRO A 6 5.33 -6.80 -1.83
CA PRO A 6 5.23 -8.21 -1.32
C PRO A 6 6.01 -8.23 0.01
N GLU A 7 7.15 -7.62 -0.11
CA GLU A 7 8.19 -7.41 0.93
C GLU A 7 7.66 -7.20 2.36
N LEU A 8 6.47 -6.64 2.45
CA LEU A 8 5.81 -6.36 3.76
C LEU A 8 4.39 -6.93 3.99
N VAL A 9 3.93 -7.87 3.20
CA VAL A 9 2.54 -8.40 3.48
C VAL A 9 2.76 -9.19 4.79
N GLY A 10 1.76 -9.28 5.61
CA GLY A 10 1.93 -10.04 6.90
C GLY A 10 2.56 -9.18 8.01
N LYS A 11 2.90 -7.94 7.72
CA LYS A 11 3.52 -7.07 8.78
C LYS A 11 2.53 -5.98 9.22
N SER A 12 2.93 -5.11 10.13
CA SER A 12 2.00 -4.04 10.61
C SER A 12 1.95 -2.88 9.64
N VAL A 13 0.74 -2.48 9.37
CA VAL A 13 0.55 -1.35 8.44
C VAL A 13 1.49 -0.13 8.61
N GLU A 14 1.63 0.51 9.74
CA GLU A 14 2.58 1.67 9.78
C GLU A 14 3.96 1.22 9.30
N GLU A 15 4.45 0.07 9.72
CA GLU A 15 5.80 -0.37 9.23
C GLU A 15 5.68 -0.40 7.69
N ALA A 16 4.67 -1.04 7.21
CA ALA A 16 4.49 -1.11 5.74
C ALA A 16 4.64 0.27 5.09
N LYS A 17 4.01 1.22 5.71
CA LYS A 17 4.04 2.62 5.21
C LYS A 17 5.48 3.08 5.25
N LYS A 18 6.09 2.96 6.39
CA LYS A 18 7.49 3.38 6.53
C LYS A 18 8.29 2.75 5.39
N VAL A 19 8.00 1.49 5.15
CA VAL A 19 8.71 0.74 4.06
C VAL A 19 8.44 1.40 2.71
N ILE A 20 7.19 1.54 2.44
CA ILE A 20 6.73 2.16 1.18
C ILE A 20 7.42 3.50 1.05
N LEU A 21 7.56 4.22 2.12
CA LEU A 21 8.25 5.53 2.05
C LEU A 21 9.73 5.23 1.78
N GLN A 22 10.32 4.29 2.48
CA GLN A 22 11.77 3.91 2.29
C GLN A 22 12.05 3.76 0.79
N ASP A 23 11.13 3.10 0.13
CA ASP A 23 11.27 2.88 -1.32
C ASP A 23 10.77 4.06 -2.15
N LYS A 24 9.69 4.60 -1.72
CA LYS A 24 9.06 5.75 -2.40
C LYS A 24 8.73 6.87 -1.37
N PRO A 25 9.75 7.62 -0.99
CA PRO A 25 9.62 8.69 0.04
C PRO A 25 8.43 9.62 -0.18
N GLU A 26 8.20 9.90 -1.42
CA GLU A 26 7.10 10.78 -1.89
C GLU A 26 5.78 10.02 -2.02
N ALA A 27 5.77 8.81 -1.56
CA ALA A 27 4.54 8.03 -1.64
C ALA A 27 3.40 8.56 -0.78
N GLN A 28 2.34 8.81 -1.45
CA GLN A 28 1.11 9.33 -0.81
C GLN A 28 0.45 7.96 -0.51
N ILE A 29 0.86 7.39 0.59
CA ILE A 29 0.33 6.06 1.01
C ILE A 29 -1.13 6.21 1.47
N ILE A 30 -1.93 5.39 0.87
CA ILE A 30 -3.42 5.34 1.14
C ILE A 30 -3.81 3.98 1.73
N VAL A 31 -4.90 3.87 2.45
CA VAL A 31 -5.33 2.58 3.05
C VAL A 31 -6.77 2.09 2.71
N LEU A 32 -6.88 0.87 2.27
CA LEU A 32 -8.18 0.20 1.90
C LEU A 32 -8.14 -1.27 2.46
N GLU A 33 -9.02 -2.08 1.95
CA GLU A 33 -9.17 -3.55 2.32
C GLU A 33 -8.26 -4.39 1.39
N LYS A 34 -8.69 -5.58 1.10
CA LYS A 34 -7.97 -6.54 0.22
C LYS A 34 -7.90 -5.89 -1.18
N GLN A 35 -7.51 -6.59 -2.20
CA GLN A 35 -7.46 -5.96 -3.57
C GLN A 35 -8.91 -5.89 -4.16
N ALA A 36 -9.79 -5.41 -3.31
CA ALA A 36 -11.24 -5.21 -3.51
C ALA A 36 -11.38 -3.67 -3.57
N VAL A 37 -11.46 -3.04 -4.71
CA VAL A 37 -11.58 -1.53 -4.66
C VAL A 37 -12.85 -0.92 -5.25
N ASP A 38 -13.69 -0.46 -4.36
CA ASP A 38 -15.01 0.19 -4.76
C ASP A 38 -15.00 1.69 -4.37
N ASN A 39 -13.81 2.06 -4.08
CA ASN A 39 -13.40 3.42 -3.66
C ASN A 39 -12.08 3.80 -4.39
N ALA A 40 -12.11 3.62 -5.67
CA ALA A 40 -10.92 3.95 -6.54
C ALA A 40 -11.07 5.29 -7.29
N TYR A 41 -9.95 5.70 -7.79
CA TYR A 41 -9.69 6.94 -8.58
C TYR A 41 -9.46 6.61 -10.08
N ALA A 42 -8.94 7.54 -10.82
CA ALA A 42 -8.67 7.28 -12.27
C ALA A 42 -7.42 6.35 -12.31
N GLU A 43 -7.04 5.81 -13.44
CA GLU A 43 -5.84 4.88 -13.51
C GLU A 43 -4.49 5.12 -12.72
N TYR A 44 -3.43 4.60 -13.23
CA TYR A 44 -2.09 4.72 -12.58
C TYR A 44 -1.54 6.10 -12.05
N ARG A 45 -1.48 6.29 -10.75
CA ARG A 45 -0.93 7.60 -10.22
C ARG A 45 0.40 7.39 -9.48
N ILE A 46 1.47 7.14 -10.20
CA ILE A 46 2.86 6.91 -9.60
C ILE A 46 3.21 7.48 -8.19
N ASP A 47 2.50 8.47 -7.77
CA ASP A 47 2.68 9.16 -6.46
C ASP A 47 1.97 8.37 -5.29
N ARG A 48 0.85 7.72 -5.55
CA ARG A 48 0.14 6.94 -4.45
C ARG A 48 0.73 5.54 -4.31
N VAL A 49 0.17 4.87 -3.35
CA VAL A 49 0.48 3.46 -2.97
C VAL A 49 -0.76 3.14 -2.16
N ARG A 50 -1.62 2.30 -2.65
CA ARG A 50 -2.84 2.01 -1.86
C ARG A 50 -2.45 0.85 -0.93
N LEU A 51 -2.89 0.83 0.29
CA LEU A 51 -2.47 -0.31 1.17
C LEU A 51 -3.66 -1.22 1.39
N ALA A 52 -3.42 -2.49 1.41
CA ALA A 52 -4.53 -3.45 1.61
C ALA A 52 -4.36 -4.17 2.98
N VAL A 53 -4.89 -3.54 3.99
CA VAL A 53 -4.79 -4.12 5.36
C VAL A 53 -6.13 -4.75 5.71
N ASP A 54 -6.16 -5.53 6.74
CA ASP A 54 -7.47 -6.15 7.13
C ASP A 54 -7.87 -5.45 8.42
N LYS A 55 -8.72 -6.07 9.18
CA LYS A 55 -9.16 -5.47 10.43
C LYS A 55 -8.12 -5.75 11.53
N LEU A 56 -6.98 -6.27 11.14
CA LEU A 56 -5.86 -6.59 12.09
C LEU A 56 -4.67 -5.75 11.63
N ASP A 57 -5.03 -4.61 11.11
CA ASP A 57 -4.10 -3.61 10.58
C ASP A 57 -2.74 -4.15 10.08
N ASN A 58 -2.80 -5.31 9.50
CA ASN A 58 -1.57 -5.94 8.96
C ASN A 58 -1.77 -5.81 7.47
N ILE A 59 -0.69 -5.88 6.77
CA ILE A 59 -0.83 -5.76 5.30
C ILE A 59 -1.31 -7.11 4.92
N ALA A 60 -2.57 -7.09 4.62
CA ALA A 60 -3.22 -8.35 4.23
C ALA A 60 -2.78 -8.62 2.80
N GLN A 61 -2.71 -7.60 2.01
CA GLN A 61 -2.28 -7.74 0.58
C GLN A 61 -1.24 -6.74 0.09
N VAL A 62 -0.55 -7.25 -0.90
CA VAL A 62 0.56 -6.56 -1.62
C VAL A 62 0.07 -5.17 -2.07
N PRO A 63 0.47 -4.14 -1.39
CA PRO A 63 -0.05 -2.80 -1.70
C PRO A 63 0.82 -2.34 -2.92
N ARG A 64 0.27 -1.52 -3.79
CA ARG A 64 1.01 -1.04 -5.00
C ARG A 64 0.89 0.47 -5.23
N VAL A 65 1.89 1.03 -5.86
CA VAL A 65 1.88 2.50 -6.16
C VAL A 65 0.59 3.07 -6.78
N GLY A 66 0.43 2.66 -8.00
CA GLY A 66 -0.75 3.10 -8.83
C GLY A 66 -1.75 2.05 -9.35
N MET A 1 13.11 0.51 -7.68
CA MET A 1 12.51 0.60 -6.32
C MET A 1 11.17 -0.15 -6.39
N LYS A 2 10.47 -0.36 -5.29
CA LYS A 2 9.16 -1.10 -5.38
C LYS A 2 7.93 -0.21 -5.60
N THR A 3 7.04 -0.89 -6.25
CA THR A 3 5.69 -0.37 -6.66
C THR A 3 4.60 -1.31 -6.17
N GLU A 4 5.04 -2.46 -5.73
CA GLU A 4 4.10 -3.48 -5.21
C GLU A 4 4.86 -3.91 -3.98
N TRP A 5 4.20 -4.24 -2.90
CA TRP A 5 4.98 -4.64 -1.68
C TRP A 5 4.79 -6.03 -1.08
N PRO A 6 5.22 -7.05 -1.78
CA PRO A 6 5.20 -8.44 -1.21
C PRO A 6 5.85 -8.37 0.19
N GLU A 7 7.00 -7.78 0.13
CA GLU A 7 7.95 -7.50 1.26
C GLU A 7 7.30 -7.22 2.63
N LEU A 8 6.18 -6.57 2.61
CA LEU A 8 5.50 -6.24 3.90
C LEU A 8 4.14 -6.89 4.17
N VAL A 9 3.77 -7.90 3.43
CA VAL A 9 2.45 -8.54 3.70
C VAL A 9 2.66 -9.18 5.10
N GLY A 10 1.65 -9.26 5.91
CA GLY A 10 1.88 -9.87 7.26
C GLY A 10 2.67 -8.92 8.19
N LYS A 11 2.90 -7.70 7.82
CA LYS A 11 3.66 -6.75 8.72
C LYS A 11 2.68 -5.66 9.22
N SER A 12 3.11 -4.84 10.14
CA SER A 12 2.17 -3.77 10.63
C SER A 12 2.08 -2.74 9.53
N VAL A 13 0.91 -2.22 9.37
CA VAL A 13 0.75 -1.22 8.32
C VAL A 13 1.71 -0.03 8.51
N GLU A 14 1.86 0.55 9.67
CA GLU A 14 2.83 1.68 9.77
C GLU A 14 4.18 1.18 9.27
N GLU A 15 4.65 0.01 9.64
CA GLU A 15 5.97 -0.41 9.09
C GLU A 15 5.78 -0.48 7.58
N ALA A 16 4.78 -1.18 7.12
CA ALA A 16 4.55 -1.27 5.64
C ALA A 16 4.67 0.13 5.00
N LYS A 17 4.10 1.10 5.63
CA LYS A 17 4.14 2.51 5.12
C LYS A 17 5.60 2.92 5.10
N LYS A 18 6.24 2.78 6.22
CA LYS A 18 7.68 3.13 6.35
C LYS A 18 8.43 2.44 5.20
N VAL A 19 8.08 1.22 4.95
CA VAL A 19 8.73 0.44 3.85
C VAL A 19 8.43 1.12 2.52
N ILE A 20 7.16 1.26 2.25
CA ILE A 20 6.68 1.92 1.01
C ILE A 20 7.39 3.24 0.86
N LEU A 21 7.67 3.89 1.95
CA LEU A 21 8.40 5.18 1.83
C LEU A 21 9.86 4.78 1.52
N GLN A 22 10.45 3.84 2.21
CA GLN A 22 11.86 3.46 1.90
C GLN A 22 11.98 3.22 0.37
N ASP A 23 10.97 2.59 -0.18
CA ASP A 23 10.93 2.28 -1.63
C ASP A 23 10.60 3.56 -2.44
N LYS A 24 9.51 4.11 -2.03
CA LYS A 24 8.91 5.34 -2.60
C LYS A 24 8.79 6.46 -1.51
N PRO A 25 9.89 7.12 -1.22
CA PRO A 25 10.04 8.04 -0.03
C PRO A 25 8.95 9.09 0.14
N GLU A 26 8.42 9.52 -0.97
CA GLU A 26 7.35 10.53 -1.03
C GLU A 26 5.95 9.92 -1.35
N ALA A 27 5.83 8.63 -1.19
CA ALA A 27 4.53 7.98 -1.46
C ALA A 27 3.42 8.46 -0.51
N GLN A 28 2.33 8.76 -1.14
CA GLN A 28 1.08 9.25 -0.49
C GLN A 28 0.38 7.89 -0.26
N ILE A 29 0.82 7.28 0.81
CA ILE A 29 0.31 5.94 1.26
C ILE A 29 -1.13 5.94 1.81
N ILE A 30 -2.01 5.48 0.98
CA ILE A 30 -3.48 5.36 1.23
C ILE A 30 -3.88 4.00 1.82
N VAL A 31 -5.10 3.84 2.26
CA VAL A 31 -5.57 2.56 2.85
C VAL A 31 -6.95 2.01 2.35
N LEU A 32 -6.99 0.73 2.07
CA LEU A 32 -8.20 -0.04 1.58
C LEU A 32 -8.13 -1.41 2.32
N GLU A 33 -9.09 -2.28 2.11
CA GLU A 33 -9.10 -3.63 2.81
C GLU A 33 -8.10 -4.75 2.32
N LYS A 34 -8.78 -5.49 1.52
CA LYS A 34 -8.44 -6.70 0.74
C LYS A 34 -7.78 -6.33 -0.58
N GLN A 35 -7.68 -7.36 -1.38
CA GLN A 35 -7.08 -7.31 -2.75
C GLN A 35 -8.20 -6.81 -3.68
N ALA A 36 -8.86 -5.77 -3.23
CA ALA A 36 -10.00 -5.14 -3.98
C ALA A 36 -9.67 -3.76 -4.61
N VAL A 37 -10.14 -3.54 -5.80
CA VAL A 37 -9.88 -2.25 -6.49
C VAL A 37 -11.15 -1.58 -7.07
N ASP A 38 -12.22 -2.14 -6.61
CA ASP A 38 -13.62 -1.72 -6.98
C ASP A 38 -14.02 -0.39 -6.26
N ASN A 39 -13.03 -0.01 -5.53
CA ASN A 39 -12.91 1.20 -4.67
C ASN A 39 -11.75 2.05 -5.26
N ALA A 40 -11.76 2.25 -6.55
CA ALA A 40 -10.67 3.06 -7.20
C ALA A 40 -11.05 4.51 -7.54
N TYR A 41 -10.03 5.25 -7.87
CA TYR A 41 -10.07 6.68 -8.26
C TYR A 41 -9.82 6.88 -9.78
N ALA A 42 -9.49 8.09 -10.17
CA ALA A 42 -9.23 8.39 -11.61
C ALA A 42 -7.79 7.99 -12.09
N GLU A 43 -7.34 8.61 -13.14
CA GLU A 43 -5.97 8.31 -13.70
C GLU A 43 -4.80 8.10 -12.68
N TYR A 44 -4.01 7.11 -13.02
CA TYR A 44 -2.81 6.67 -12.24
C TYR A 44 -1.87 7.80 -11.80
N ARG A 45 -1.58 7.85 -10.54
CA ARG A 45 -0.64 8.90 -10.08
C ARG A 45 0.46 8.24 -9.29
N ILE A 46 1.62 8.25 -9.87
CA ILE A 46 2.86 7.67 -9.29
C ILE A 46 3.18 8.24 -7.87
N ASP A 47 2.33 9.10 -7.39
CA ASP A 47 2.51 9.73 -6.06
C ASP A 47 1.83 8.88 -4.99
N ARG A 48 0.82 8.17 -5.34
CA ARG A 48 0.14 7.32 -4.29
C ARG A 48 0.37 5.82 -4.33
N VAL A 49 0.05 5.27 -3.20
CA VAL A 49 0.15 3.80 -2.96
C VAL A 49 -1.15 3.49 -2.23
N ARG A 50 -1.62 2.30 -2.46
CA ARG A 50 -2.87 1.76 -1.87
C ARG A 50 -2.49 0.73 -0.81
N LEU A 51 -2.86 0.89 0.44
CA LEU A 51 -2.43 -0.20 1.41
C LEU A 51 -3.62 -1.09 1.74
N ALA A 52 -3.45 -2.36 1.46
CA ALA A 52 -4.52 -3.36 1.73
C ALA A 52 -4.23 -4.06 3.07
N VAL A 53 -4.77 -3.46 4.08
CA VAL A 53 -4.61 -3.95 5.49
C VAL A 53 -5.93 -4.52 5.95
N ASP A 54 -5.87 -5.26 7.02
CA ASP A 54 -7.14 -5.82 7.52
C ASP A 54 -7.73 -4.89 8.61
N LYS A 55 -8.41 -5.55 9.49
CA LYS A 55 -9.09 -4.94 10.63
C LYS A 55 -8.10 -4.74 11.79
N LEU A 56 -6.97 -5.37 11.67
CA LEU A 56 -5.88 -5.31 12.70
C LEU A 56 -4.65 -4.66 12.06
N ASP A 57 -4.95 -3.59 11.39
CA ASP A 57 -3.96 -2.75 10.66
C ASP A 57 -2.64 -3.44 10.23
N ASN A 58 -2.79 -4.66 9.77
CA ASN A 58 -1.61 -5.44 9.29
C ASN A 58 -1.97 -5.67 7.80
N ILE A 59 -0.92 -5.72 7.04
CA ILE A 59 -1.00 -5.91 5.56
C ILE A 59 -1.57 -7.25 5.18
N ALA A 60 -2.77 -7.10 4.69
CA ALA A 60 -3.59 -8.24 4.23
C ALA A 60 -3.06 -8.66 2.85
N GLN A 61 -2.73 -7.70 2.05
CA GLN A 61 -2.20 -8.04 0.69
C GLN A 61 -1.02 -7.21 0.22
N VAL A 62 -0.48 -7.67 -0.88
CA VAL A 62 0.69 -7.02 -1.55
C VAL A 62 0.17 -5.65 -2.01
N PRO A 63 0.42 -4.60 -1.27
CA PRO A 63 -0.22 -3.29 -1.58
C PRO A 63 0.54 -2.79 -2.87
N ARG A 64 0.00 -1.82 -3.57
CA ARG A 64 0.66 -1.31 -4.83
C ARG A 64 0.64 0.23 -5.01
N VAL A 65 1.34 0.79 -5.98
CA VAL A 65 1.30 2.29 -6.13
C VAL A 65 -0.07 2.91 -6.56
N GLY A 66 -0.13 3.22 -7.82
CA GLY A 66 -1.33 3.84 -8.45
C GLY A 66 -2.24 2.88 -9.17
N MET A 1 12.43 2.24 -7.92
CA MET A 1 11.30 2.46 -6.97
C MET A 1 10.35 1.25 -7.11
N LYS A 2 9.58 0.92 -6.11
CA LYS A 2 8.65 -0.24 -6.25
C LYS A 2 7.24 0.28 -6.35
N THR A 3 6.49 -0.54 -7.02
CA THR A 3 5.04 -0.28 -7.29
C THR A 3 4.15 -1.24 -6.57
N GLU A 4 4.75 -2.33 -6.18
CA GLU A 4 3.95 -3.37 -5.44
C GLU A 4 4.69 -3.79 -4.17
N TRP A 5 3.97 -4.23 -3.16
CA TRP A 5 4.69 -4.66 -1.91
C TRP A 5 4.38 -6.03 -1.31
N PRO A 6 4.71 -7.10 -2.03
CA PRO A 6 4.54 -8.49 -1.47
C PRO A 6 5.22 -8.50 -0.07
N GLU A 7 6.41 -8.01 -0.15
CA GLU A 7 7.40 -7.81 0.94
C GLU A 7 6.85 -7.53 2.38
N LEU A 8 5.73 -6.88 2.43
CA LEU A 8 5.09 -6.51 3.73
C LEU A 8 3.66 -7.04 3.98
N VAL A 9 3.16 -7.93 3.16
CA VAL A 9 1.77 -8.42 3.45
C VAL A 9 2.02 -9.25 4.73
N GLY A 10 1.22 -9.02 5.73
CA GLY A 10 1.39 -9.77 7.02
C GLY A 10 2.11 -8.87 8.06
N LYS A 11 2.43 -7.66 7.67
CA LYS A 11 3.13 -6.69 8.57
C LYS A 11 2.22 -5.52 8.98
N SER A 12 2.62 -4.82 10.03
CA SER A 12 1.81 -3.65 10.51
C SER A 12 1.75 -2.61 9.40
N VAL A 13 0.61 -2.02 9.26
CA VAL A 13 0.53 -0.99 8.20
C VAL A 13 1.66 0.05 8.33
N GLU A 14 1.92 0.63 9.46
CA GLU A 14 3.03 1.62 9.54
C GLU A 14 4.32 0.94 9.05
N GLU A 15 4.59 -0.29 9.40
CA GLU A 15 5.86 -0.92 8.89
C GLU A 15 5.72 -0.90 7.34
N ALA A 16 4.64 -1.43 6.86
CA ALA A 16 4.41 -1.46 5.39
C ALA A 16 4.71 -0.10 4.76
N LYS A 17 4.31 0.90 5.47
CA LYS A 17 4.51 2.30 5.00
C LYS A 17 5.98 2.56 4.95
N LYS A 18 6.64 2.33 6.04
CA LYS A 18 8.11 2.55 6.11
C LYS A 18 8.75 1.90 4.87
N VAL A 19 8.27 0.71 4.57
CA VAL A 19 8.80 -0.02 3.38
C VAL A 19 8.43 0.74 2.11
N ILE A 20 7.17 0.91 1.88
CA ILE A 20 6.69 1.64 0.67
C ILE A 20 7.44 2.93 0.49
N LEU A 21 7.71 3.61 1.57
CA LEU A 21 8.47 4.88 1.50
C LEU A 21 9.89 4.48 1.05
N GLN A 22 10.49 3.52 1.71
CA GLN A 22 11.87 3.07 1.33
C GLN A 22 11.97 2.94 -0.21
N ASP A 23 10.93 2.33 -0.72
CA ASP A 23 10.74 2.05 -2.17
C ASP A 23 10.28 3.25 -3.05
N LYS A 24 9.41 3.97 -2.45
CA LYS A 24 8.79 5.18 -3.03
C LYS A 24 8.76 6.34 -1.97
N PRO A 25 9.92 6.87 -1.65
CA PRO A 25 10.15 7.77 -0.46
C PRO A 25 9.13 8.87 -0.22
N GLU A 26 8.61 9.35 -1.30
CA GLU A 26 7.60 10.44 -1.34
C GLU A 26 6.14 9.95 -1.30
N ALA A 27 5.97 8.69 -1.59
CA ALA A 27 4.62 8.06 -1.61
C ALA A 27 3.65 8.50 -0.53
N GLN A 28 2.48 8.96 -0.89
CA GLN A 28 1.52 9.38 0.16
C GLN A 28 0.92 7.95 0.25
N ILE A 29 1.14 7.35 1.38
CA ILE A 29 0.63 5.96 1.59
C ILE A 29 -0.73 5.98 2.28
N ILE A 30 -1.69 5.68 1.46
CA ILE A 30 -3.12 5.61 1.83
C ILE A 30 -3.43 4.22 2.35
N VAL A 31 -4.49 4.09 3.10
CA VAL A 31 -4.89 2.78 3.65
C VAL A 31 -6.38 2.55 3.34
N LEU A 32 -6.71 1.40 2.84
CA LEU A 32 -8.10 1.03 2.50
C LEU A 32 -8.26 -0.40 3.09
N GLU A 33 -9.42 -0.95 2.85
CA GLU A 33 -9.75 -2.32 3.33
C GLU A 33 -8.79 -3.43 2.75
N LYS A 34 -9.42 -4.56 2.73
CA LYS A 34 -8.98 -5.91 2.28
C LYS A 34 -8.54 -5.91 0.79
N GLN A 35 -8.47 -7.11 0.26
CA GLN A 35 -8.08 -7.34 -1.17
C GLN A 35 -9.24 -6.85 -2.08
N ALA A 36 -9.43 -5.57 -2.04
CA ALA A 36 -10.48 -4.89 -2.82
C ALA A 36 -9.85 -4.16 -4.01
N VAL A 37 -10.29 -2.94 -4.09
CA VAL A 37 -9.80 -2.07 -5.16
C VAL A 37 -8.50 -1.27 -4.90
N ASP A 38 -7.52 -1.80 -5.57
CA ASP A 38 -6.13 -1.28 -5.58
C ASP A 38 -5.79 -1.34 -7.10
N ASN A 39 -6.82 -1.08 -7.87
CA ASN A 39 -6.74 -1.09 -9.37
C ASN A 39 -7.77 -0.18 -10.04
N ALA A 40 -8.98 -0.47 -9.74
CA ALA A 40 -10.11 0.31 -10.30
C ALA A 40 -10.35 1.49 -9.34
N TYR A 41 -9.30 2.25 -9.21
CA TYR A 41 -9.30 3.44 -8.32
C TYR A 41 -9.64 4.68 -9.16
N ALA A 42 -9.07 5.76 -8.77
CA ALA A 42 -9.28 7.06 -9.47
C ALA A 42 -8.04 7.41 -10.32
N GLU A 43 -8.00 8.65 -10.70
CA GLU A 43 -6.88 9.23 -11.53
C GLU A 43 -5.51 8.69 -11.03
N TYR A 44 -5.04 7.61 -11.61
CA TYR A 44 -3.71 7.03 -11.16
C TYR A 44 -2.69 8.14 -10.88
N ARG A 45 -2.31 8.29 -9.64
CA ARG A 45 -1.32 9.37 -9.39
C ARG A 45 -0.10 8.77 -8.80
N ILE A 46 0.78 8.43 -9.66
CA ILE A 46 2.10 7.81 -9.31
C ILE A 46 2.71 8.21 -7.94
N ASP A 47 2.23 9.25 -7.32
CA ASP A 47 2.70 9.77 -6.00
C ASP A 47 2.02 9.04 -4.81
N ARG A 48 0.92 8.39 -5.07
CA ARG A 48 0.20 7.67 -3.97
C ARG A 48 0.17 6.13 -4.04
N VAL A 49 0.12 5.57 -2.87
CA VAL A 49 0.06 4.06 -2.75
C VAL A 49 -1.19 3.81 -1.92
N ARG A 50 -1.74 2.67 -2.16
CA ARG A 50 -2.96 2.19 -1.47
C ARG A 50 -2.49 1.11 -0.51
N LEU A 51 -2.87 1.10 0.73
CA LEU A 51 -2.34 -0.04 1.56
C LEU A 51 -3.62 -0.85 1.83
N ALA A 52 -3.60 -2.14 1.60
CA ALA A 52 -4.82 -2.95 1.84
C ALA A 52 -4.63 -3.77 3.13
N VAL A 53 -5.24 -3.28 4.16
CA VAL A 53 -5.16 -3.93 5.50
C VAL A 53 -6.47 -4.60 5.91
N ASP A 54 -6.37 -5.42 6.91
CA ASP A 54 -7.59 -6.12 7.40
C ASP A 54 -8.19 -5.30 8.57
N LYS A 55 -8.74 -6.03 9.48
CA LYS A 55 -9.37 -5.44 10.67
C LYS A 55 -8.32 -5.16 11.76
N LEU A 56 -7.09 -5.59 11.54
CA LEU A 56 -5.98 -5.38 12.53
C LEU A 56 -4.88 -4.55 11.89
N ASP A 57 -5.29 -3.56 11.18
CA ASP A 57 -4.33 -2.66 10.49
C ASP A 57 -2.99 -3.35 10.00
N ASN A 58 -3.10 -4.61 9.63
CA ASN A 58 -1.91 -5.36 9.12
C ASN A 58 -2.25 -5.51 7.62
N ILE A 59 -1.22 -5.52 6.84
CA ILE A 59 -1.36 -5.64 5.36
C ILE A 59 -1.91 -7.00 4.99
N ALA A 60 -3.13 -6.91 4.56
CA ALA A 60 -3.91 -8.09 4.12
C ALA A 60 -3.42 -8.44 2.72
N GLN A 61 -3.14 -7.42 1.94
CA GLN A 61 -2.64 -7.71 0.56
C GLN A 61 -1.46 -6.94 0.03
N VAL A 62 -0.99 -7.43 -1.08
CA VAL A 62 0.17 -6.85 -1.80
C VAL A 62 -0.31 -5.48 -2.26
N PRO A 63 0.03 -4.43 -1.55
CA PRO A 63 -0.55 -3.10 -1.84
C PRO A 63 0.17 -2.54 -3.12
N ARG A 64 -0.41 -1.55 -3.76
CA ARG A 64 0.17 -0.93 -5.01
C ARG A 64 0.14 0.61 -5.17
N VAL A 65 0.72 1.08 -6.25
CA VAL A 65 0.76 2.57 -6.54
C VAL A 65 -0.33 2.94 -7.55
N GLY A 66 -1.01 3.96 -7.14
CA GLY A 66 -2.14 4.55 -7.92
C GLY A 66 -2.53 6.00 -7.64
N MET A 1 13.57 -0.16 -6.24
CA MET A 1 12.48 0.23 -5.29
C MET A 1 11.17 -0.46 -5.73
N LYS A 2 10.15 -0.29 -4.94
CA LYS A 2 8.80 -0.86 -5.17
C LYS A 2 7.64 0.08 -5.55
N THR A 3 6.75 -0.67 -6.09
CA THR A 3 5.42 -0.24 -6.61
C THR A 3 4.33 -1.07 -6.00
N GLU A 4 4.68 -2.27 -5.64
CA GLU A 4 3.70 -3.19 -5.00
C GLU A 4 4.53 -3.81 -3.91
N TRP A 5 3.93 -4.06 -2.79
CA TRP A 5 4.71 -4.66 -1.67
C TRP A 5 4.31 -6.06 -1.22
N PRO A 6 4.56 -7.05 -2.06
CA PRO A 6 4.39 -8.47 -1.61
C PRO A 6 5.21 -8.55 -0.31
N GLU A 7 6.37 -7.98 -0.45
CA GLU A 7 7.44 -7.83 0.59
C GLU A 7 6.87 -7.43 1.98
N LEU A 8 5.78 -6.72 1.96
CA LEU A 8 5.09 -6.26 3.21
C LEU A 8 3.93 -7.10 3.72
N VAL A 9 3.35 -7.94 2.93
CA VAL A 9 2.20 -8.76 3.44
C VAL A 9 2.69 -9.51 4.71
N GLY A 10 1.96 -9.36 5.77
CA GLY A 10 2.34 -10.03 7.07
C GLY A 10 3.14 -9.03 7.94
N LYS A 11 3.31 -7.82 7.49
CA LYS A 11 4.07 -6.79 8.29
C LYS A 11 3.12 -5.75 8.95
N SER A 12 3.64 -4.89 9.80
CA SER A 12 2.69 -3.91 10.43
C SER A 12 2.42 -2.84 9.40
N VAL A 13 1.27 -2.24 9.47
CA VAL A 13 1.00 -1.21 8.46
C VAL A 13 1.92 0.03 8.63
N GLU A 14 2.07 0.59 9.79
CA GLU A 14 2.97 1.79 9.91
C GLU A 14 4.34 1.39 9.34
N GLU A 15 4.80 0.20 9.62
CA GLU A 15 6.11 -0.22 9.07
C GLU A 15 5.85 -0.24 7.55
N ALA A 16 4.85 -0.92 7.08
CA ALA A 16 4.59 -0.94 5.61
C ALA A 16 4.77 0.45 5.04
N LYS A 17 4.22 1.41 5.72
CA LYS A 17 4.33 2.83 5.27
C LYS A 17 5.82 3.16 5.22
N LYS A 18 6.52 2.98 6.29
CA LYS A 18 7.98 3.28 6.29
C LYS A 18 8.64 2.60 5.07
N VAL A 19 8.32 1.35 4.90
CA VAL A 19 8.90 0.59 3.75
C VAL A 19 8.54 1.29 2.45
N ILE A 20 7.27 1.51 2.29
CA ILE A 20 6.74 2.18 1.08
C ILE A 20 7.44 3.51 0.91
N LEU A 21 7.78 4.18 1.98
CA LEU A 21 8.49 5.48 1.82
C LEU A 21 9.94 5.14 1.42
N GLN A 22 10.55 4.15 2.03
CA GLN A 22 11.94 3.76 1.68
C GLN A 22 12.01 3.47 0.16
N ASP A 23 11.02 2.77 -0.32
CA ASP A 23 10.95 2.42 -1.75
C ASP A 23 10.44 3.63 -2.58
N LYS A 24 9.45 4.25 -2.06
CA LYS A 24 8.80 5.44 -2.69
C LYS A 24 8.65 6.62 -1.70
N PRO A 25 9.73 7.32 -1.47
CA PRO A 25 9.76 8.46 -0.49
C PRO A 25 8.56 9.41 -0.59
N GLU A 26 8.26 9.74 -1.80
CA GLU A 26 7.14 10.66 -2.16
C GLU A 26 5.77 9.99 -2.04
N ALA A 27 5.76 8.76 -1.60
CA ALA A 27 4.49 8.04 -1.47
C ALA A 27 3.43 8.59 -0.47
N GLN A 28 2.27 8.70 -1.05
CA GLN A 28 1.02 9.18 -0.38
C GLN A 28 0.45 7.81 -0.01
N ILE A 29 0.83 7.41 1.17
CA ILE A 29 0.40 6.10 1.72
C ILE A 29 -1.05 6.08 2.23
N ILE A 30 -1.89 5.45 1.50
CA ILE A 30 -3.33 5.33 1.88
C ILE A 30 -3.61 3.93 2.44
N VAL A 31 -4.64 3.77 3.23
CA VAL A 31 -5.00 2.46 3.82
C VAL A 31 -6.43 2.05 3.41
N LEU A 32 -6.60 0.81 3.04
CA LEU A 32 -7.92 0.26 2.62
C LEU A 32 -8.06 -1.21 3.11
N GLU A 33 -8.93 -1.89 2.42
CA GLU A 33 -9.27 -3.32 2.66
C GLU A 33 -8.44 -4.17 1.68
N LYS A 34 -8.83 -5.39 1.47
CA LYS A 34 -8.12 -6.31 0.53
C LYS A 34 -8.04 -5.57 -0.84
N GLN A 35 -7.28 -6.03 -1.79
CA GLN A 35 -7.21 -5.30 -3.11
C GLN A 35 -8.55 -4.76 -3.72
N ALA A 36 -9.12 -3.73 -3.14
CA ALA A 36 -10.39 -3.13 -3.63
C ALA A 36 -10.15 -1.96 -4.63
N VAL A 37 -9.41 -2.26 -5.67
CA VAL A 37 -9.10 -1.23 -6.72
C VAL A 37 -9.70 -1.57 -8.07
N ASP A 38 -10.72 -0.85 -8.35
CA ASP A 38 -11.56 -0.91 -9.58
C ASP A 38 -11.47 0.51 -10.16
N ASN A 39 -12.44 0.85 -10.95
CA ASN A 39 -12.44 2.22 -11.55
C ASN A 39 -13.60 3.06 -11.02
N ALA A 40 -13.36 3.21 -9.75
CA ALA A 40 -14.16 3.96 -8.75
C ALA A 40 -13.38 5.26 -8.61
N TYR A 41 -12.16 5.08 -8.20
CA TYR A 41 -11.24 6.25 -8.01
C TYR A 41 -10.19 6.31 -9.14
N ALA A 42 -9.42 7.37 -9.10
CA ALA A 42 -8.35 7.60 -10.12
C ALA A 42 -7.32 6.45 -10.38
N GLU A 43 -6.91 6.36 -11.61
CA GLU A 43 -5.92 5.31 -12.05
C GLU A 43 -4.52 5.53 -11.45
N TYR A 44 -3.55 5.03 -12.14
CA TYR A 44 -2.12 5.13 -11.73
C TYR A 44 -1.66 6.51 -11.19
N ARG A 45 -2.01 6.81 -9.97
CA ARG A 45 -1.60 8.12 -9.38
C ARG A 45 -0.24 7.86 -8.77
N ILE A 46 0.73 7.63 -9.61
CA ILE A 46 2.17 7.36 -9.23
C ILE A 46 2.70 7.72 -7.83
N ASP A 47 2.14 8.77 -7.33
CA ASP A 47 2.52 9.33 -6.00
C ASP A 47 1.92 8.57 -4.82
N ARG A 48 0.81 7.93 -4.98
CA ARG A 48 0.23 7.20 -3.79
C ARG A 48 0.41 5.70 -3.78
N VAL A 49 -0.01 5.14 -2.70
CA VAL A 49 0.06 3.66 -2.50
C VAL A 49 -1.20 3.36 -1.71
N ARG A 50 -1.80 2.25 -1.94
CA ARG A 50 -3.04 1.85 -1.22
C ARG A 50 -2.52 0.77 -0.25
N LEU A 51 -2.96 0.73 0.97
CA LEU A 51 -2.40 -0.37 1.85
C LEU A 51 -3.52 -1.36 2.15
N ALA A 52 -3.40 -2.63 1.86
CA ALA A 52 -4.54 -3.54 2.20
C ALA A 52 -4.24 -4.24 3.54
N VAL A 53 -4.75 -3.68 4.59
CA VAL A 53 -4.52 -4.28 5.94
C VAL A 53 -5.76 -5.01 6.42
N ASP A 54 -5.58 -5.93 7.31
CA ASP A 54 -6.76 -6.67 7.82
C ASP A 54 -7.27 -5.68 8.91
N LYS A 55 -7.93 -6.24 9.87
CA LYS A 55 -8.47 -5.49 11.00
C LYS A 55 -7.47 -5.41 12.19
N LEU A 56 -6.29 -5.92 11.98
CA LEU A 56 -5.21 -5.94 13.02
C LEU A 56 -4.00 -5.19 12.41
N ASP A 57 -4.36 -4.05 11.88
CA ASP A 57 -3.43 -3.10 11.20
C ASP A 57 -2.14 -3.71 10.59
N ASN A 58 -2.27 -4.93 10.09
CA ASN A 58 -1.12 -5.63 9.46
C ASN A 58 -1.57 -5.87 8.00
N ILE A 59 -0.57 -5.88 7.19
CA ILE A 59 -0.78 -6.05 5.72
C ILE A 59 -1.34 -7.40 5.38
N ALA A 60 -2.60 -7.30 5.05
CA ALA A 60 -3.44 -8.46 4.65
C ALA A 60 -3.07 -8.77 3.20
N GLN A 61 -2.91 -7.73 2.45
CA GLN A 61 -2.55 -7.92 1.03
C GLN A 61 -1.64 -6.83 0.45
N VAL A 62 -1.03 -7.30 -0.60
CA VAL A 62 -0.06 -6.52 -1.42
C VAL A 62 -0.58 -5.09 -1.61
N PRO A 63 -0.02 -4.14 -0.91
CA PRO A 63 -0.46 -2.72 -1.07
C PRO A 63 0.28 -2.32 -2.37
N ARG A 64 -0.27 -1.51 -3.24
CA ARG A 64 0.45 -1.14 -4.51
C ARG A 64 0.48 0.37 -4.71
N VAL A 65 1.20 0.91 -5.66
CA VAL A 65 1.25 2.41 -5.86
C VAL A 65 -0.02 3.00 -6.48
N GLY A 66 -0.03 2.63 -7.71
CA GLY A 66 -1.03 2.93 -8.75
C GLY A 66 -2.08 1.81 -8.78
N MET A 1 13.10 0.82 -7.37
CA MET A 1 12.57 0.56 -5.99
C MET A 1 11.24 -0.19 -6.12
N LYS A 2 10.56 -0.41 -5.02
CA LYS A 2 9.24 -1.13 -5.03
C LYS A 2 8.02 -0.26 -5.29
N THR A 3 7.12 -0.95 -5.93
CA THR A 3 5.77 -0.40 -6.32
C THR A 3 4.64 -1.32 -5.88
N GLU A 4 5.07 -2.41 -5.30
CA GLU A 4 4.15 -3.45 -4.77
C GLU A 4 4.91 -3.99 -3.59
N TRP A 5 4.27 -4.43 -2.55
CA TRP A 5 5.10 -4.93 -1.41
C TRP A 5 4.82 -6.33 -0.87
N PRO A 6 5.14 -7.35 -1.64
CA PRO A 6 5.15 -8.74 -1.11
C PRO A 6 5.86 -8.63 0.27
N GLU A 7 6.98 -7.97 0.18
CA GLU A 7 7.93 -7.65 1.30
C GLU A 7 7.22 -7.25 2.62
N LEU A 8 6.08 -6.64 2.48
CA LEU A 8 5.26 -6.17 3.62
C LEU A 8 4.13 -7.09 4.08
N VAL A 9 3.70 -8.05 3.32
CA VAL A 9 2.58 -8.91 3.85
C VAL A 9 3.00 -9.47 5.22
N GLY A 10 2.15 -9.30 6.19
CA GLY A 10 2.47 -9.79 7.57
C GLY A 10 3.13 -8.69 8.43
N LYS A 11 3.33 -7.53 7.87
CA LYS A 11 3.97 -6.38 8.62
C LYS A 11 2.94 -5.36 9.12
N SER A 12 3.33 -4.52 10.05
CA SER A 12 2.33 -3.52 10.55
C SER A 12 2.10 -2.54 9.39
N VAL A 13 0.93 -1.99 9.34
CA VAL A 13 0.70 -1.04 8.24
C VAL A 13 1.63 0.17 8.41
N GLU A 14 1.76 0.73 9.58
CA GLU A 14 2.68 1.88 9.72
C GLU A 14 4.05 1.39 9.21
N GLU A 15 4.53 0.21 9.56
CA GLU A 15 5.86 -0.20 8.98
C GLU A 15 5.69 -0.15 7.46
N ALA A 16 4.62 -0.72 6.97
CA ALA A 16 4.38 -0.71 5.52
C ALA A 16 4.51 0.71 5.00
N LYS A 17 3.86 1.65 5.61
CA LYS A 17 3.96 3.06 5.14
C LYS A 17 5.42 3.42 5.16
N LYS A 18 6.08 3.23 6.26
CA LYS A 18 7.54 3.56 6.31
C LYS A 18 8.27 2.95 5.10
N VAL A 19 8.05 1.69 4.89
CA VAL A 19 8.69 0.95 3.75
C VAL A 19 8.29 1.58 2.42
N ILE A 20 7.02 1.71 2.22
CA ILE A 20 6.47 2.31 0.98
C ILE A 20 7.15 3.65 0.84
N LEU A 21 7.31 4.42 1.87
CA LEU A 21 8.01 5.73 1.72
C LEU A 21 9.51 5.43 1.43
N GLN A 22 10.09 4.44 2.04
CA GLN A 22 11.52 4.12 1.78
C GLN A 22 11.70 3.89 0.25
N ASP A 23 10.83 3.07 -0.28
CA ASP A 23 10.81 2.72 -1.70
C ASP A 23 10.37 3.89 -2.58
N LYS A 24 9.27 4.43 -2.16
CA LYS A 24 8.61 5.56 -2.80
C LYS A 24 8.33 6.77 -1.84
N PRO A 25 9.37 7.49 -1.51
CA PRO A 25 9.35 8.62 -0.53
C PRO A 25 8.11 9.50 -0.46
N GLU A 26 7.62 9.86 -1.61
CA GLU A 26 6.42 10.73 -1.71
C GLU A 26 5.09 9.96 -1.64
N ALA A 27 5.17 8.67 -1.80
CA ALA A 27 3.96 7.82 -1.77
C ALA A 27 2.70 8.34 -1.03
N GLN A 28 1.67 8.48 -1.80
CA GLN A 28 0.37 8.96 -1.25
C GLN A 28 -0.22 7.59 -0.83
N ILE A 29 0.20 7.19 0.35
CA ILE A 29 -0.20 5.90 1.01
C ILE A 29 -1.59 5.88 1.70
N ILE A 30 -2.45 5.22 0.98
CA ILE A 30 -3.90 4.96 1.24
C ILE A 30 -4.15 3.53 1.82
N VAL A 31 -5.28 3.25 2.43
CA VAL A 31 -5.58 1.91 3.01
C VAL A 31 -6.99 1.32 2.64
N LEU A 32 -7.07 0.02 2.50
CA LEU A 32 -8.32 -0.73 2.16
C LEU A 32 -8.09 -2.18 2.71
N GLU A 33 -9.03 -3.07 2.46
CA GLU A 33 -8.96 -4.51 2.89
C GLU A 33 -7.84 -5.30 2.15
N LYS A 34 -8.33 -5.94 1.14
CA LYS A 34 -7.60 -6.79 0.17
C LYS A 34 -7.28 -5.87 -1.03
N GLN A 35 -6.92 -6.45 -2.14
CA GLN A 35 -6.58 -5.65 -3.39
C GLN A 35 -7.92 -5.22 -4.03
N ALA A 36 -8.67 -4.45 -3.31
CA ALA A 36 -9.99 -3.96 -3.81
C ALA A 36 -9.98 -2.52 -4.34
N VAL A 37 -9.53 -2.38 -5.56
CA VAL A 37 -9.46 -1.07 -6.24
C VAL A 37 -10.43 -1.08 -7.42
N ASP A 38 -10.86 0.12 -7.64
CA ASP A 38 -11.82 0.53 -8.69
C ASP A 38 -11.27 1.84 -9.30
N ASN A 39 -12.20 2.66 -9.69
CA ASN A 39 -11.85 3.99 -10.31
C ASN A 39 -12.41 5.10 -9.37
N ALA A 40 -12.65 4.71 -8.13
CA ALA A 40 -13.19 5.61 -7.06
C ALA A 40 -12.63 7.05 -7.01
N TYR A 41 -11.38 7.04 -6.67
CA TYR A 41 -10.48 8.21 -6.52
C TYR A 41 -9.49 8.33 -7.71
N ALA A 42 -8.45 9.06 -7.48
CA ALA A 42 -7.42 9.24 -8.54
C ALA A 42 -6.96 7.98 -9.34
N GLU A 43 -6.75 8.29 -10.59
CA GLU A 43 -6.29 7.40 -11.70
C GLU A 43 -5.04 6.62 -11.33
N TYR A 44 -4.56 5.74 -12.16
CA TYR A 44 -3.32 5.01 -11.74
C TYR A 44 -2.22 6.07 -11.53
N ARG A 45 -1.91 6.28 -10.29
CA ARG A 45 -0.85 7.26 -9.99
C ARG A 45 0.36 6.49 -9.51
N ILE A 46 1.46 6.68 -10.19
CA ILE A 46 2.72 5.99 -9.82
C ILE A 46 3.37 6.75 -8.61
N ASP A 47 2.56 7.59 -8.02
CA ASP A 47 2.78 8.50 -6.84
C ASP A 47 1.99 7.97 -5.61
N ARG A 48 0.92 7.32 -5.92
CA ARG A 48 -0.01 6.74 -4.87
C ARG A 48 0.19 5.24 -4.61
N VAL A 49 -0.03 4.88 -3.37
CA VAL A 49 0.09 3.46 -2.92
C VAL A 49 -1.14 3.26 -2.09
N ARG A 50 -1.76 2.14 -2.28
CA ARG A 50 -2.99 1.78 -1.53
C ARG A 50 -2.44 0.66 -0.65
N LEU A 51 -3.01 0.50 0.49
CA LEU A 51 -2.49 -0.58 1.40
C LEU A 51 -3.60 -1.57 1.74
N ALA A 52 -3.33 -2.83 1.55
CA ALA A 52 -4.34 -3.88 1.85
C ALA A 52 -4.05 -4.52 3.23
N VAL A 53 -4.67 -3.96 4.22
CA VAL A 53 -4.49 -4.45 5.64
C VAL A 53 -5.77 -5.11 6.11
N ASP A 54 -5.71 -5.84 7.18
CA ASP A 54 -6.94 -6.49 7.68
C ASP A 54 -7.59 -5.55 8.74
N LYS A 55 -8.11 -6.19 9.75
CA LYS A 55 -8.77 -5.57 10.90
C LYS A 55 -7.77 -5.15 12.00
N LEU A 56 -6.59 -5.69 11.94
CA LEU A 56 -5.51 -5.42 12.92
C LEU A 56 -4.34 -4.73 12.22
N ASP A 57 -4.75 -3.73 11.51
CA ASP A 57 -3.83 -2.86 10.71
C ASP A 57 -2.48 -3.49 10.25
N ASN A 58 -2.55 -4.74 9.86
CA ASN A 58 -1.35 -5.48 9.37
C ASN A 58 -1.69 -5.81 7.91
N ILE A 59 -0.63 -5.80 7.15
CA ILE A 59 -0.71 -6.07 5.69
C ILE A 59 -1.16 -7.47 5.45
N ALA A 60 -2.39 -7.51 5.05
CA ALA A 60 -3.05 -8.78 4.75
C ALA A 60 -2.65 -9.22 3.33
N GLN A 61 -2.53 -8.25 2.47
CA GLN A 61 -2.14 -8.52 1.05
C GLN A 61 -1.01 -7.67 0.49
N VAL A 62 -0.55 -8.14 -0.63
CA VAL A 62 0.54 -7.48 -1.39
C VAL A 62 -0.04 -6.10 -1.73
N PRO A 63 0.44 -5.03 -1.12
CA PRO A 63 -0.07 -3.69 -1.48
C PRO A 63 0.66 -3.30 -2.82
N ARG A 64 0.14 -2.30 -3.48
CA ARG A 64 0.70 -1.81 -4.79
C ARG A 64 0.66 -0.30 -4.86
N VAL A 65 1.36 0.31 -5.78
CA VAL A 65 1.34 1.80 -5.91
C VAL A 65 -0.11 2.10 -6.26
N GLY A 66 -0.31 2.03 -7.53
CA GLY A 66 -1.63 2.27 -8.15
C GLY A 66 -2.02 0.93 -8.77
N MET A 1 13.94 1.23 -7.36
CA MET A 1 13.42 0.97 -5.97
C MET A 1 12.09 0.21 -6.14
N LYS A 2 11.41 -0.13 -5.06
CA LYS A 2 10.10 -0.86 -5.18
C LYS A 2 8.90 0.07 -5.36
N THR A 3 8.00 -0.52 -6.07
CA THR A 3 6.70 0.09 -6.43
C THR A 3 5.57 -0.82 -5.99
N GLU A 4 5.94 -2.04 -5.67
CA GLU A 4 4.90 -3.02 -5.21
C GLU A 4 5.53 -3.59 -3.97
N TRP A 5 4.81 -3.79 -2.90
CA TRP A 5 5.50 -4.37 -1.70
C TRP A 5 5.05 -5.76 -1.28
N PRO A 6 5.37 -6.79 -2.05
CA PRO A 6 5.17 -8.18 -1.56
C PRO A 6 5.84 -8.24 -0.17
N GLU A 7 7.02 -7.70 -0.18
CA GLU A 7 7.99 -7.54 0.96
C GLU A 7 7.26 -7.14 2.27
N LEU A 8 6.11 -6.55 2.08
CA LEU A 8 5.22 -6.07 3.17
C LEU A 8 3.92 -6.82 3.47
N VAL A 9 3.51 -7.82 2.74
CA VAL A 9 2.21 -8.48 3.10
C VAL A 9 2.47 -9.31 4.37
N GLY A 10 1.51 -9.33 5.26
CA GLY A 10 1.66 -10.10 6.54
C GLY A 10 2.52 -9.25 7.48
N LYS A 11 2.49 -7.96 7.27
CA LYS A 11 3.28 -6.99 8.12
C LYS A 11 2.39 -5.97 8.80
N SER A 12 2.99 -5.09 9.56
CA SER A 12 2.15 -4.05 10.25
C SER A 12 2.04 -2.91 9.24
N VAL A 13 0.88 -2.30 9.18
CA VAL A 13 0.75 -1.20 8.21
C VAL A 13 1.75 -0.05 8.45
N GLU A 14 1.93 0.43 9.65
CA GLU A 14 2.90 1.54 9.83
C GLU A 14 4.28 1.09 9.32
N GLU A 15 4.67 -0.12 9.59
CA GLU A 15 6.00 -0.60 9.10
C GLU A 15 5.88 -0.54 7.57
N ALA A 16 4.84 -1.12 7.03
CA ALA A 16 4.65 -1.08 5.57
C ALA A 16 4.86 0.34 5.08
N LYS A 17 4.23 1.29 5.71
CA LYS A 17 4.40 2.71 5.27
C LYS A 17 5.89 3.00 5.40
N LYS A 18 6.39 2.79 6.58
CA LYS A 18 7.82 3.00 6.89
C LYS A 18 8.74 2.46 5.83
N VAL A 19 8.34 1.35 5.27
CA VAL A 19 9.08 0.62 4.20
C VAL A 19 8.82 1.26 2.85
N ILE A 20 7.58 1.42 2.54
CA ILE A 20 7.17 2.05 1.25
C ILE A 20 7.95 3.34 1.20
N LEU A 21 8.05 4.03 2.30
CA LEU A 21 8.83 5.29 2.33
C LEU A 21 10.30 4.99 2.03
N GLN A 22 10.82 3.92 2.57
CA GLN A 22 12.25 3.55 2.32
C GLN A 22 12.49 3.40 0.79
N ASP A 23 11.57 2.74 0.15
CA ASP A 23 11.64 2.49 -1.31
C ASP A 23 11.32 3.77 -2.09
N LYS A 24 10.23 4.35 -1.67
CA LYS A 24 9.70 5.59 -2.28
C LYS A 24 9.37 6.63 -1.16
N PRO A 25 10.37 7.37 -0.75
CA PRO A 25 10.20 8.49 0.24
C PRO A 25 9.03 9.40 -0.15
N GLU A 26 8.95 9.60 -1.43
CA GLU A 26 7.92 10.45 -2.07
C GLU A 26 6.53 9.75 -2.01
N ALA A 27 6.45 8.65 -1.32
CA ALA A 27 5.15 7.98 -1.24
C ALA A 27 4.15 8.60 -0.24
N GLN A 28 3.06 9.00 -0.81
CA GLN A 28 1.94 9.61 -0.07
C GLN A 28 1.21 8.23 -0.04
N ILE A 29 1.36 7.61 1.09
CA ILE A 29 0.76 6.27 1.34
C ILE A 29 -0.68 6.33 1.86
N ILE A 30 -1.53 5.58 1.22
CA ILE A 30 -2.98 5.52 1.58
C ILE A 30 -3.35 4.12 1.99
N VAL A 31 -4.40 3.94 2.74
CA VAL A 31 -4.83 2.59 3.19
C VAL A 31 -6.32 2.29 2.89
N LEU A 32 -6.57 1.17 2.27
CA LEU A 32 -7.93 0.67 1.91
C LEU A 32 -8.04 -0.75 2.53
N GLU A 33 -9.01 -1.48 2.06
CA GLU A 33 -9.31 -2.87 2.51
C GLU A 33 -8.68 -3.82 1.46
N LYS A 34 -9.33 -4.92 1.31
CA LYS A 34 -8.93 -5.97 0.37
C LYS A 34 -9.25 -5.38 -1.02
N GLN A 35 -9.33 -6.25 -1.98
CA GLN A 35 -9.65 -5.81 -3.38
C GLN A 35 -11.20 -5.69 -3.48
N ALA A 36 -11.61 -4.72 -2.70
CA ALA A 36 -13.03 -4.25 -2.49
C ALA A 36 -13.29 -2.85 -3.05
N VAL A 37 -12.41 -2.41 -3.89
CA VAL A 37 -12.56 -1.04 -4.48
C VAL A 37 -12.72 -0.94 -5.98
N ASP A 38 -12.94 -2.09 -6.51
CA ASP A 38 -13.16 -2.37 -7.97
C ASP A 38 -14.63 -1.89 -8.25
N ASN A 39 -14.69 -0.61 -8.02
CA ASN A 39 -15.90 0.25 -8.13
C ASN A 39 -15.64 1.77 -8.02
N ALA A 40 -14.53 2.13 -7.44
CA ALA A 40 -14.20 3.56 -7.28
C ALA A 40 -13.23 4.21 -8.28
N TYR A 41 -12.04 4.55 -7.85
CA TYR A 41 -11.04 5.19 -8.78
C TYR A 41 -9.92 4.28 -9.31
N ALA A 42 -9.76 4.33 -10.59
CA ALA A 42 -8.72 3.52 -11.31
C ALA A 42 -7.57 4.27 -12.02
N GLU A 43 -7.02 5.27 -11.39
CA GLU A 43 -5.90 6.03 -12.05
C GLU A 43 -4.57 5.63 -11.37
N TYR A 44 -3.50 5.84 -12.07
CA TYR A 44 -2.13 5.52 -11.56
C TYR A 44 -1.54 6.86 -11.09
N ARG A 45 -1.83 7.21 -9.87
CA ARG A 45 -1.30 8.52 -9.38
C ARG A 45 0.03 8.13 -8.74
N ILE A 46 1.00 7.91 -9.58
CA ILE A 46 2.43 7.52 -9.22
C ILE A 46 2.97 7.77 -7.81
N ASP A 47 2.45 8.74 -7.14
CA ASP A 47 2.93 9.09 -5.77
C ASP A 47 2.02 8.62 -4.63
N ARG A 48 0.97 7.97 -4.99
CA ARG A 48 0.02 7.47 -3.97
C ARG A 48 0.15 5.98 -3.74
N VAL A 49 0.91 5.51 -2.79
CA VAL A 49 0.95 4.00 -2.70
C VAL A 49 -0.38 3.60 -2.02
N ARG A 50 -1.16 2.72 -2.59
CA ARG A 50 -2.44 2.35 -1.90
C ARG A 50 -2.10 1.15 -1.02
N LEU A 51 -2.57 1.10 0.20
CA LEU A 51 -2.22 -0.09 1.07
C LEU A 51 -3.46 -0.94 1.29
N ALA A 52 -3.31 -2.23 1.37
CA ALA A 52 -4.50 -3.11 1.59
C ALA A 52 -4.33 -3.87 2.93
N VAL A 53 -4.87 -3.33 3.99
CA VAL A 53 -4.75 -3.99 5.35
C VAL A 53 -6.06 -4.63 5.78
N ASP A 54 -6.00 -5.43 6.79
CA ASP A 54 -7.24 -6.12 7.30
C ASP A 54 -7.85 -5.31 8.46
N LYS A 55 -8.39 -6.05 9.39
CA LYS A 55 -9.02 -5.50 10.60
C LYS A 55 -8.00 -5.25 11.73
N LEU A 56 -6.83 -5.79 11.57
CA LEU A 56 -5.73 -5.67 12.59
C LEU A 56 -4.53 -4.96 11.96
N ASP A 57 -4.90 -3.86 11.37
CA ASP A 57 -3.95 -2.95 10.66
C ASP A 57 -2.64 -3.60 10.10
N ASN A 58 -2.82 -4.82 9.60
CA ASN A 58 -1.66 -5.56 9.02
C ASN A 58 -2.03 -5.72 7.53
N ILE A 59 -0.97 -5.73 6.77
CA ILE A 59 -1.04 -5.83 5.29
C ILE A 59 -1.60 -7.14 4.79
N ALA A 60 -2.80 -6.98 4.32
CA ALA A 60 -3.60 -8.10 3.75
C ALA A 60 -3.05 -8.35 2.34
N GLN A 61 -2.75 -7.28 1.66
CA GLN A 61 -2.21 -7.45 0.28
C GLN A 61 -1.06 -6.57 -0.16
N VAL A 62 -0.51 -6.99 -1.27
CA VAL A 62 0.64 -6.30 -1.92
C VAL A 62 0.24 -4.84 -2.21
N PRO A 63 0.69 -3.91 -1.40
CA PRO A 63 0.28 -2.49 -1.57
C PRO A 63 1.15 -2.00 -2.77
N ARG A 64 0.63 -1.10 -3.55
CA ARG A 64 1.37 -0.57 -4.75
C ARG A 64 1.32 0.96 -5.04
N VAL A 65 2.37 1.40 -5.67
CA VAL A 65 2.56 2.84 -6.08
C VAL A 65 1.41 3.60 -6.68
N GLY A 66 0.77 2.88 -7.52
CA GLY A 66 -0.38 3.41 -8.25
C GLY A 66 -1.64 2.56 -8.01
N MET A 1 13.49 1.28 -7.56
CA MET A 1 12.70 1.25 -6.30
C MET A 1 11.43 0.47 -6.65
N LYS A 2 10.60 0.24 -5.67
CA LYS A 2 9.34 -0.50 -5.89
C LYS A 2 8.11 0.37 -5.85
N THR A 3 7.16 -0.21 -6.51
CA THR A 3 5.80 0.36 -6.70
C THR A 3 4.71 -0.61 -6.25
N GLU A 4 5.16 -1.77 -5.86
CA GLU A 4 4.26 -2.88 -5.36
C GLU A 4 5.01 -3.55 -4.17
N TRP A 5 4.33 -3.86 -3.10
CA TRP A 5 5.06 -4.50 -1.94
C TRP A 5 4.69 -5.86 -1.35
N PRO A 6 4.88 -6.91 -2.10
CA PRO A 6 4.63 -8.29 -1.58
C PRO A 6 5.27 -8.50 -0.19
N GLU A 7 6.48 -8.03 -0.11
CA GLU A 7 7.39 -8.08 1.07
C GLU A 7 6.70 -7.73 2.40
N LEU A 8 5.72 -6.90 2.27
CA LEU A 8 4.93 -6.40 3.42
C LEU A 8 3.69 -7.20 3.80
N VAL A 9 3.20 -8.07 2.97
CA VAL A 9 1.98 -8.84 3.36
C VAL A 9 2.30 -9.65 4.64
N GLY A 10 1.44 -9.59 5.62
CA GLY A 10 1.66 -10.33 6.91
C GLY A 10 2.41 -9.45 7.93
N LYS A 11 2.71 -8.23 7.56
CA LYS A 11 3.44 -7.28 8.48
C LYS A 11 2.45 -6.22 9.02
N SER A 12 2.96 -5.24 9.73
CA SER A 12 2.11 -4.14 10.29
C SER A 12 2.00 -3.10 9.16
N VAL A 13 0.95 -2.32 9.23
CA VAL A 13 0.81 -1.30 8.17
C VAL A 13 1.87 -0.24 8.39
N GLU A 14 2.01 0.27 9.58
CA GLU A 14 3.04 1.30 9.83
C GLU A 14 4.39 0.84 9.26
N GLU A 15 4.82 -0.37 9.51
CA GLU A 15 6.15 -0.78 8.90
C GLU A 15 5.91 -0.76 7.40
N ALA A 16 4.92 -1.44 6.90
CA ALA A 16 4.69 -1.40 5.43
C ALA A 16 4.85 0.02 4.85
N LYS A 17 4.29 0.95 5.54
CA LYS A 17 4.34 2.37 5.12
C LYS A 17 5.80 2.78 5.13
N LYS A 18 6.44 2.59 6.25
CA LYS A 18 7.87 2.95 6.34
C LYS A 18 8.64 2.29 5.19
N VAL A 19 8.30 1.07 4.92
CA VAL A 19 8.98 0.34 3.79
C VAL A 19 8.70 1.07 2.48
N ILE A 20 7.45 1.30 2.24
CA ILE A 20 7.06 2.00 1.00
C ILE A 20 7.80 3.32 0.97
N LEU A 21 7.86 4.06 2.05
CA LEU A 21 8.61 5.34 2.00
C LEU A 21 10.05 5.00 1.61
N GLN A 22 10.63 3.95 2.16
CA GLN A 22 12.03 3.59 1.78
C GLN A 22 12.14 3.54 0.23
N ASP A 23 11.14 2.97 -0.40
CA ASP A 23 11.15 2.87 -1.89
C ASP A 23 10.78 4.19 -2.60
N LYS A 24 9.69 4.69 -2.16
CA LYS A 24 9.06 5.92 -2.63
C LYS A 24 8.88 6.91 -1.44
N PRO A 25 9.96 7.55 -1.04
CA PRO A 25 10.00 8.43 0.18
C PRO A 25 8.87 9.44 0.16
N GLU A 26 8.61 9.86 -1.04
CA GLU A 26 7.56 10.86 -1.39
C GLU A 26 6.19 10.18 -1.63
N ALA A 27 6.03 8.99 -1.15
CA ALA A 27 4.75 8.27 -1.33
C ALA A 27 3.60 8.68 -0.40
N GLN A 28 2.50 8.95 -1.04
CA GLN A 28 1.28 9.35 -0.28
C GLN A 28 0.69 7.96 -0.04
N ILE A 29 1.14 7.39 1.04
CA ILE A 29 0.72 6.02 1.47
C ILE A 29 -0.65 5.98 2.21
N ILE A 30 -1.60 5.64 1.41
CA ILE A 30 -3.05 5.50 1.74
C ILE A 30 -3.41 4.06 2.22
N VAL A 31 -4.64 3.85 2.63
CA VAL A 31 -5.16 2.54 3.11
C VAL A 31 -6.55 2.16 2.47
N LEU A 32 -6.79 0.87 2.43
CA LEU A 32 -8.03 0.19 1.90
C LEU A 32 -7.97 -1.22 2.57
N GLU A 33 -8.91 -2.10 2.32
CA GLU A 33 -8.77 -3.44 2.98
C GLU A 33 -8.09 -4.43 2.01
N LYS A 34 -8.92 -5.27 1.58
CA LYS A 34 -8.72 -6.39 0.65
C LYS A 34 -9.10 -5.86 -0.72
N GLN A 35 -9.53 -6.78 -1.51
CA GLN A 35 -9.98 -6.46 -2.89
C GLN A 35 -11.42 -5.96 -2.66
N ALA A 36 -11.47 -4.79 -2.09
CA ALA A 36 -12.77 -4.10 -1.77
C ALA A 36 -13.10 -3.16 -2.91
N VAL A 37 -12.11 -2.37 -3.07
CA VAL A 37 -12.04 -1.30 -4.09
C VAL A 37 -10.76 -1.45 -4.95
N ASP A 38 -11.02 -1.88 -6.15
CA ASP A 38 -9.94 -2.11 -7.17
C ASP A 38 -10.25 -1.66 -8.62
N ASN A 39 -11.23 -0.82 -8.71
CA ASN A 39 -11.67 -0.31 -10.06
C ASN A 39 -11.98 1.18 -10.27
N ALA A 40 -12.92 1.60 -9.49
CA ALA A 40 -13.45 2.99 -9.46
C ALA A 40 -12.44 4.13 -9.73
N TYR A 41 -11.72 4.45 -8.71
CA TYR A 41 -10.71 5.53 -8.81
C TYR A 41 -9.42 4.98 -9.45
N ALA A 42 -9.46 4.62 -10.69
CA ALA A 42 -8.20 4.10 -11.32
C ALA A 42 -7.40 5.36 -11.76
N GLU A 43 -6.99 6.07 -10.73
CA GLU A 43 -6.22 7.33 -10.81
C GLU A 43 -4.68 7.16 -10.60
N TYR A 44 -4.04 6.54 -11.56
CA TYR A 44 -2.56 6.34 -11.43
C TYR A 44 -1.74 7.61 -11.12
N ARG A 45 -1.47 7.72 -9.85
CA ARG A 45 -0.68 8.85 -9.31
C ARG A 45 0.65 8.21 -8.92
N ILE A 46 1.65 8.33 -9.74
CA ILE A 46 2.99 7.73 -9.42
C ILE A 46 3.56 8.18 -8.03
N ASP A 47 2.91 9.16 -7.48
CA ASP A 47 3.24 9.77 -6.17
C ASP A 47 2.48 9.08 -4.97
N ARG A 48 1.37 8.46 -5.27
CA ARG A 48 0.51 7.75 -4.23
C ARG A 48 0.73 6.22 -4.16
N VAL A 49 0.32 5.65 -3.05
CA VAL A 49 0.43 4.15 -2.80
C VAL A 49 -0.69 3.77 -1.85
N ARG A 50 -1.46 2.76 -2.13
CA ARG A 50 -2.54 2.37 -1.18
C ARG A 50 -2.12 1.10 -0.46
N LEU A 51 -2.61 1.02 0.75
CA LEU A 51 -2.24 -0.19 1.55
C LEU A 51 -3.49 -1.04 1.84
N ALA A 52 -3.35 -2.32 1.65
CA ALA A 52 -4.45 -3.31 1.86
C ALA A 52 -4.28 -4.05 3.20
N VAL A 53 -4.90 -3.49 4.20
CA VAL A 53 -4.84 -4.06 5.60
C VAL A 53 -6.16 -4.67 6.09
N ASP A 54 -6.14 -5.33 7.19
CA ASP A 54 -7.41 -5.93 7.73
C ASP A 54 -7.92 -5.06 8.90
N LYS A 55 -8.36 -5.74 9.91
CA LYS A 55 -8.90 -5.17 11.15
C LYS A 55 -7.81 -4.81 12.15
N LEU A 56 -6.67 -5.42 11.97
CA LEU A 56 -5.48 -5.22 12.86
C LEU A 56 -4.36 -4.51 12.11
N ASP A 57 -4.77 -3.55 11.36
CA ASP A 57 -3.84 -2.74 10.54
C ASP A 57 -2.51 -3.47 10.11
N ASN A 58 -2.65 -4.71 9.69
CA ASN A 58 -1.47 -5.51 9.22
C ASN A 58 -1.70 -5.57 7.73
N ILE A 59 -0.71 -5.86 6.95
CA ILE A 59 -0.95 -5.91 5.48
C ILE A 59 -1.55 -7.23 5.13
N ALA A 60 -2.77 -7.10 4.76
CA ALA A 60 -3.55 -8.29 4.36
C ALA A 60 -3.04 -8.61 2.96
N GLN A 61 -2.86 -7.59 2.16
CA GLN A 61 -2.35 -7.85 0.76
C GLN A 61 -1.27 -6.93 0.15
N VAL A 62 -0.78 -7.34 -1.00
CA VAL A 62 0.27 -6.56 -1.74
C VAL A 62 -0.19 -5.11 -1.97
N PRO A 63 0.33 -4.15 -1.25
CA PRO A 63 -0.11 -2.73 -1.43
C PRO A 63 0.67 -2.23 -2.69
N ARG A 64 0.10 -1.31 -3.44
CA ARG A 64 0.75 -0.78 -4.68
C ARG A 64 0.60 0.76 -4.88
N VAL A 65 1.41 1.32 -5.72
CA VAL A 65 1.41 2.81 -6.02
C VAL A 65 0.15 3.53 -6.52
N GLY A 66 0.05 3.47 -7.81
CA GLY A 66 -1.08 4.11 -8.52
C GLY A 66 -2.08 3.12 -9.07
N MET A 1 12.56 2.57 -4.95
CA MET A 1 12.85 1.77 -6.19
C MET A 1 11.84 0.70 -6.63
N LYS A 2 11.04 0.36 -5.69
CA LYS A 2 9.94 -0.66 -5.80
C LYS A 2 8.59 0.04 -5.81
N THR A 3 7.73 -0.72 -6.42
CA THR A 3 6.29 -0.41 -6.65
C THR A 3 5.41 -1.43 -5.96
N GLU A 4 5.97 -2.55 -5.61
CA GLU A 4 5.14 -3.61 -4.91
C GLU A 4 5.78 -4.12 -3.61
N TRP A 5 5.00 -4.37 -2.59
CA TRP A 5 5.62 -4.86 -1.30
C TRP A 5 5.14 -6.22 -0.72
N PRO A 6 5.45 -7.31 -1.41
CA PRO A 6 5.18 -8.70 -0.87
C PRO A 6 5.72 -8.76 0.57
N GLU A 7 6.90 -8.23 0.63
CA GLU A 7 7.77 -8.09 1.84
C GLU A 7 7.03 -7.81 3.17
N LEU A 8 6.12 -6.90 3.04
CA LEU A 8 5.26 -6.39 4.15
C LEU A 8 4.03 -7.22 4.48
N VAL A 9 3.63 -8.13 3.64
CA VAL A 9 2.41 -8.92 3.98
C VAL A 9 2.64 -9.59 5.36
N GLY A 10 1.68 -9.44 6.23
CA GLY A 10 1.79 -10.04 7.61
C GLY A 10 2.57 -9.11 8.57
N LYS A 11 2.95 -7.96 8.08
CA LYS A 11 3.73 -6.97 8.91
C LYS A 11 2.82 -5.79 9.34
N SER A 12 3.34 -4.85 10.12
CA SER A 12 2.41 -3.73 10.54
C SER A 12 2.32 -2.71 9.45
N VAL A 13 1.12 -2.23 9.29
CA VAL A 13 0.94 -1.21 8.24
C VAL A 13 1.84 0.04 8.43
N GLU A 14 1.93 0.63 9.59
CA GLU A 14 2.82 1.83 9.71
C GLU A 14 4.23 1.41 9.29
N GLU A 15 4.68 0.25 9.68
CA GLU A 15 6.04 -0.19 9.25
C GLU A 15 5.98 -0.25 7.71
N ALA A 16 5.00 -0.94 7.18
CA ALA A 16 4.85 -1.04 5.70
C ALA A 16 5.04 0.36 5.09
N LYS A 17 4.30 1.30 5.61
CA LYS A 17 4.39 2.70 5.12
C LYS A 17 5.86 3.08 5.15
N LYS A 18 6.48 2.96 6.30
CA LYS A 18 7.92 3.30 6.40
C LYS A 18 8.69 2.62 5.24
N VAL A 19 8.46 1.34 5.05
CA VAL A 19 9.16 0.60 3.94
C VAL A 19 8.87 1.21 2.57
N ILE A 20 7.61 1.49 2.37
CA ILE A 20 7.15 2.08 1.10
C ILE A 20 7.88 3.41 0.98
N LEU A 21 7.91 4.22 2.00
CA LEU A 21 8.64 5.51 1.86
C LEU A 21 10.11 5.15 1.54
N GLN A 22 10.68 4.17 2.22
CA GLN A 22 12.09 3.74 1.98
C GLN A 22 12.35 3.47 0.47
N ASP A 23 11.28 3.17 -0.22
CA ASP A 23 11.37 2.89 -1.69
C ASP A 23 10.94 4.03 -2.59
N LYS A 24 9.80 4.51 -2.22
CA LYS A 24 9.09 5.61 -2.88
C LYS A 24 8.83 6.69 -1.80
N PRO A 25 9.84 7.47 -1.48
CA PRO A 25 9.73 8.55 -0.46
C PRO A 25 8.54 9.47 -0.79
N GLU A 26 8.33 9.59 -2.06
CA GLU A 26 7.24 10.41 -2.62
C GLU A 26 5.93 9.61 -2.60
N ALA A 27 5.88 8.58 -1.79
CA ALA A 27 4.65 7.77 -1.69
C ALA A 27 3.59 8.37 -0.74
N GLN A 28 2.44 8.61 -1.29
CA GLN A 28 1.28 9.16 -0.60
C GLN A 28 0.53 7.81 -0.43
N ILE A 29 1.02 7.18 0.60
CA ILE A 29 0.55 5.84 1.05
C ILE A 29 -0.88 5.98 1.57
N ILE A 30 -1.70 5.15 1.03
CA ILE A 30 -3.16 5.08 1.34
C ILE A 30 -3.47 3.71 1.90
N VAL A 31 -4.33 3.65 2.88
CA VAL A 31 -4.70 2.36 3.49
C VAL A 31 -6.20 2.04 3.32
N LEU A 32 -6.48 0.86 2.86
CA LEU A 32 -7.85 0.33 2.62
C LEU A 32 -7.81 -1.18 2.95
N GLU A 33 -8.83 -1.87 2.50
CA GLU A 33 -8.96 -3.34 2.72
C GLU A 33 -8.41 -4.05 1.41
N LYS A 34 -8.91 -5.26 1.26
CA LYS A 34 -8.68 -6.26 0.16
C LYS A 34 -8.53 -5.76 -1.32
N GLN A 35 -8.93 -6.66 -2.19
CA GLN A 35 -8.89 -6.44 -3.68
C GLN A 35 -10.28 -5.92 -4.16
N ALA A 36 -10.70 -4.92 -3.43
CA ALA A 36 -12.01 -4.26 -3.69
C ALA A 36 -12.02 -2.96 -4.53
N VAL A 37 -11.51 -3.02 -5.75
CA VAL A 37 -11.53 -1.77 -6.58
C VAL A 37 -12.10 -1.91 -8.01
N ASP A 38 -12.83 -0.89 -8.34
CA ASP A 38 -13.50 -0.76 -9.65
C ASP A 38 -12.92 0.62 -10.13
N ASN A 39 -13.30 1.17 -11.24
CA ASN A 39 -12.72 2.50 -11.65
C ASN A 39 -13.51 3.63 -10.95
N ALA A 40 -13.72 3.44 -9.68
CA ALA A 40 -14.49 4.42 -8.83
C ALA A 40 -13.62 5.43 -8.04
N TYR A 41 -12.35 5.13 -7.97
CA TYR A 41 -11.39 6.01 -7.24
C TYR A 41 -10.52 6.73 -8.28
N ALA A 42 -9.78 7.70 -7.82
CA ALA A 42 -8.90 8.47 -8.73
C ALA A 42 -7.86 7.62 -9.52
N GLU A 43 -7.74 7.99 -10.77
CA GLU A 43 -6.83 7.36 -11.76
C GLU A 43 -5.41 7.05 -11.20
N TYR A 44 -4.80 5.99 -11.69
CA TYR A 44 -3.42 5.61 -11.21
C TYR A 44 -2.49 6.81 -11.10
N ARG A 45 -1.88 6.90 -9.96
CA ARG A 45 -0.95 8.05 -9.78
C ARG A 45 0.28 7.47 -9.15
N ILE A 46 1.36 7.42 -9.86
CA ILE A 46 2.61 6.86 -9.30
C ILE A 46 3.12 7.57 -8.00
N ASP A 47 2.28 8.38 -7.42
CA ASP A 47 2.64 9.11 -6.17
C ASP A 47 1.99 8.36 -5.00
N ARG A 48 0.88 7.73 -5.31
CA ARG A 48 0.03 6.95 -4.33
C ARG A 48 0.26 5.42 -4.15
N VAL A 49 0.27 4.93 -2.93
CA VAL A 49 0.49 3.42 -2.72
C VAL A 49 -0.68 2.89 -1.90
N ARG A 50 -1.44 1.99 -2.45
CA ARG A 50 -2.60 1.46 -1.70
C ARG A 50 -2.07 0.39 -0.74
N LEU A 51 -2.54 0.44 0.45
CA LEU A 51 -2.11 -0.55 1.47
C LEU A 51 -3.38 -1.30 1.79
N ALA A 52 -3.35 -2.58 1.54
CA ALA A 52 -4.55 -3.42 1.81
C ALA A 52 -4.23 -4.14 3.15
N VAL A 53 -4.72 -3.59 4.23
CA VAL A 53 -4.50 -4.16 5.60
C VAL A 53 -5.77 -4.82 6.08
N ASP A 54 -5.72 -5.57 7.14
CA ASP A 54 -6.97 -6.20 7.60
C ASP A 54 -7.57 -5.30 8.71
N LYS A 55 -8.18 -5.94 9.66
CA LYS A 55 -8.81 -5.27 10.80
C LYS A 55 -7.79 -5.02 11.93
N LEU A 56 -6.66 -5.65 11.83
CA LEU A 56 -5.58 -5.53 12.85
C LEU A 56 -4.35 -4.87 12.20
N ASP A 57 -4.70 -3.80 11.54
CA ASP A 57 -3.74 -2.93 10.80
C ASP A 57 -2.41 -3.58 10.32
N ASN A 58 -2.55 -4.81 9.87
CA ASN A 58 -1.38 -5.57 9.36
C ASN A 58 -1.72 -5.81 7.87
N ILE A 59 -0.66 -5.86 7.11
CA ILE A 59 -0.80 -6.04 5.65
C ILE A 59 -1.40 -7.37 5.25
N ALA A 60 -2.58 -7.22 4.72
CA ALA A 60 -3.41 -8.36 4.25
C ALA A 60 -2.85 -8.74 2.87
N GLN A 61 -2.56 -7.71 2.12
CA GLN A 61 -2.01 -7.94 0.76
C GLN A 61 -0.82 -7.11 0.35
N VAL A 62 -0.20 -7.62 -0.68
CA VAL A 62 1.00 -6.97 -1.26
C VAL A 62 0.58 -5.55 -1.67
N PRO A 63 0.94 -4.53 -0.93
CA PRO A 63 0.38 -3.19 -1.18
C PRO A 63 1.15 -2.74 -2.46
N ARG A 64 0.51 -1.92 -3.25
CA ARG A 64 1.14 -1.44 -4.53
C ARG A 64 0.87 0.00 -4.91
N VAL A 65 1.70 0.48 -5.81
CA VAL A 65 1.52 1.89 -6.25
C VAL A 65 0.38 1.91 -7.27
N GLY A 66 -0.57 2.65 -6.85
CA GLY A 66 -1.82 2.90 -7.59
C GLY A 66 -2.59 4.11 -7.15
N MET A 1 14.20 0.82 -6.23
CA MET A 1 13.36 0.85 -4.98
C MET A 1 12.09 0.04 -5.32
N LYS A 2 11.14 -0.02 -4.43
CA LYS A 2 9.88 -0.79 -4.68
C LYS A 2 8.68 0.09 -4.96
N THR A 3 7.87 -0.51 -5.79
CA THR A 3 6.59 0.10 -6.25
C THR A 3 5.45 -0.77 -5.83
N GLU A 4 5.80 -1.96 -5.47
CA GLU A 4 4.78 -2.93 -5.00
C GLU A 4 5.52 -3.58 -3.88
N TRP A 5 4.79 -3.88 -2.85
CA TRP A 5 5.43 -4.53 -1.69
C TRP A 5 4.86 -5.91 -1.31
N PRO A 6 5.05 -6.87 -2.21
CA PRO A 6 4.74 -8.29 -1.86
C PRO A 6 5.44 -8.61 -0.52
N GLU A 7 6.57 -8.00 -0.38
CA GLU A 7 7.47 -8.10 0.80
C GLU A 7 6.78 -7.68 2.14
N LEU A 8 5.80 -6.82 2.03
CA LEU A 8 5.03 -6.34 3.23
C LEU A 8 3.84 -7.20 3.62
N VAL A 9 3.21 -7.87 2.69
CA VAL A 9 2.03 -8.73 3.08
C VAL A 9 2.39 -9.62 4.30
N GLY A 10 1.61 -9.55 5.33
CA GLY A 10 1.83 -10.35 6.59
C GLY A 10 2.51 -9.47 7.65
N LYS A 11 2.75 -8.24 7.30
CA LYS A 11 3.41 -7.26 8.24
C LYS A 11 2.41 -6.23 8.76
N SER A 12 2.90 -5.29 9.53
CA SER A 12 1.99 -4.22 10.08
C SER A 12 1.87 -3.12 9.01
N VAL A 13 0.73 -2.50 8.98
CA VAL A 13 0.56 -1.43 7.98
C VAL A 13 1.54 -0.31 8.27
N GLU A 14 1.70 0.09 9.50
CA GLU A 14 2.67 1.17 9.76
C GLU A 14 4.06 0.73 9.26
N GLU A 15 4.47 -0.51 9.42
CA GLU A 15 5.84 -0.90 8.88
C GLU A 15 5.71 -0.67 7.36
N ALA A 16 4.65 -1.18 6.79
CA ALA A 16 4.43 -1.02 5.35
C ALA A 16 4.61 0.45 4.97
N LYS A 17 3.92 1.32 5.62
CA LYS A 17 4.05 2.76 5.30
C LYS A 17 5.53 3.13 5.37
N LYS A 18 6.17 2.84 6.48
CA LYS A 18 7.62 3.17 6.58
C LYS A 18 8.42 2.61 5.37
N VAL A 19 8.12 1.39 5.02
CA VAL A 19 8.81 0.72 3.88
C VAL A 19 8.48 1.47 2.59
N ILE A 20 7.22 1.68 2.38
CA ILE A 20 6.75 2.40 1.18
C ILE A 20 7.46 3.72 1.18
N LEU A 21 7.59 4.38 2.29
CA LEU A 21 8.32 5.67 2.26
C LEU A 21 9.80 5.37 1.94
N GLN A 22 10.39 4.34 2.53
CA GLN A 22 11.82 4.04 2.23
C GLN A 22 12.07 4.00 0.72
N ASP A 23 11.21 3.23 0.12
CA ASP A 23 11.22 3.00 -1.32
C ASP A 23 10.83 4.25 -2.08
N LYS A 24 9.71 4.75 -1.69
CA LYS A 24 9.11 5.95 -2.29
C LYS A 24 8.79 7.03 -1.23
N PRO A 25 9.81 7.75 -0.80
CA PRO A 25 9.68 8.83 0.23
C PRO A 25 8.54 9.79 -0.09
N GLU A 26 8.41 10.02 -1.36
CA GLU A 26 7.37 10.93 -1.91
C GLU A 26 6.03 10.21 -2.06
N ALA A 27 5.89 9.07 -1.46
CA ALA A 27 4.61 8.35 -1.58
C ALA A 27 3.42 8.79 -0.71
N GLN A 28 2.31 8.92 -1.39
CA GLN A 28 1.08 9.31 -0.65
C GLN A 28 0.44 7.91 -0.49
N ILE A 29 0.70 7.43 0.70
CA ILE A 29 0.24 6.08 1.17
C ILE A 29 -1.24 6.06 1.63
N ILE A 30 -2.01 5.59 0.69
CA ILE A 30 -3.50 5.43 0.73
C ILE A 30 -3.88 4.05 1.26
N VAL A 31 -5.02 3.90 1.87
CA VAL A 31 -5.43 2.58 2.42
C VAL A 31 -6.83 2.04 1.98
N LEU A 32 -6.91 0.75 1.72
CA LEU A 32 -8.20 0.08 1.31
C LEU A 32 -8.24 -1.28 2.07
N GLU A 33 -9.35 -1.94 2.24
CA GLU A 33 -9.22 -3.24 2.98
C GLU A 33 -8.44 -4.20 2.02
N LYS A 34 -8.09 -5.34 2.52
CA LYS A 34 -7.32 -6.38 1.74
C LYS A 34 -7.46 -6.40 0.21
N GLN A 35 -8.62 -6.77 -0.08
CA GLN A 35 -9.17 -6.91 -1.47
C GLN A 35 -10.25 -5.86 -1.78
N ALA A 36 -10.05 -4.65 -1.34
CA ALA A 36 -11.08 -3.56 -1.59
C ALA A 36 -10.80 -2.46 -2.66
N VAL A 37 -11.07 -2.75 -3.89
CA VAL A 37 -10.84 -1.75 -5.00
C VAL A 37 -12.16 -1.19 -5.58
N ASP A 38 -13.14 -1.45 -4.78
CA ASP A 38 -14.57 -1.04 -5.03
C ASP A 38 -14.84 0.45 -4.62
N ASN A 39 -13.80 1.12 -4.97
CA ASN A 39 -13.47 2.58 -4.82
C ASN A 39 -12.53 2.70 -6.04
N ALA A 40 -13.08 2.24 -7.11
CA ALA A 40 -12.39 2.22 -8.41
C ALA A 40 -12.36 3.62 -9.06
N TYR A 41 -11.48 4.38 -8.48
CA TYR A 41 -11.21 5.80 -8.87
C TYR A 41 -9.90 5.95 -9.68
N ALA A 42 -9.32 7.11 -9.55
CA ALA A 42 -8.04 7.46 -10.24
C ALA A 42 -6.93 6.34 -10.28
N GLU A 43 -6.63 5.97 -11.49
CA GLU A 43 -5.61 4.92 -11.86
C GLU A 43 -4.15 5.26 -11.45
N TYR A 44 -3.24 4.65 -12.13
CA TYR A 44 -1.79 4.86 -11.87
C TYR A 44 -1.30 6.32 -11.68
N ARG A 45 -1.22 6.78 -10.47
CA ARG A 45 -0.73 8.18 -10.22
C ARG A 45 0.63 7.92 -9.55
N ILE A 46 1.65 7.66 -10.32
CA ILE A 46 3.06 7.39 -9.83
C ILE A 46 3.51 7.86 -8.43
N ASP A 47 2.88 8.88 -7.93
CA ASP A 47 3.14 9.52 -6.60
C ASP A 47 2.49 8.75 -5.43
N ARG A 48 1.36 8.16 -5.69
CA ARG A 48 0.65 7.38 -4.62
C ARG A 48 0.93 5.89 -4.54
N VAL A 49 0.43 5.39 -3.44
CA VAL A 49 0.54 3.91 -3.11
C VAL A 49 -0.80 3.53 -2.45
N ARG A 50 -1.42 2.46 -2.86
CA ARG A 50 -2.72 2.02 -2.25
C ARG A 50 -2.28 0.92 -1.26
N LEU A 51 -2.77 0.90 -0.05
CA LEU A 51 -2.32 -0.18 0.91
C LEU A 51 -3.43 -1.17 1.19
N ALA A 52 -3.16 -2.46 1.13
CA ALA A 52 -4.23 -3.47 1.37
C ALA A 52 -4.10 -4.16 2.74
N VAL A 53 -4.73 -3.53 3.68
CA VAL A 53 -4.72 -4.05 5.09
C VAL A 53 -6.07 -4.64 5.45
N ASP A 54 -6.14 -5.36 6.52
CA ASP A 54 -7.45 -5.95 6.93
C ASP A 54 -8.03 -5.19 8.13
N LYS A 55 -8.52 -5.94 9.07
CA LYS A 55 -9.15 -5.48 10.31
C LYS A 55 -8.07 -5.17 11.35
N LEU A 56 -6.98 -5.87 11.17
CA LEU A 56 -5.78 -5.80 12.03
C LEU A 56 -4.72 -4.90 11.47
N ASP A 57 -5.13 -3.96 10.69
CA ASP A 57 -4.13 -3.04 10.09
C ASP A 57 -2.77 -3.73 9.73
N ASN A 58 -2.86 -4.96 9.24
CA ASN A 58 -1.62 -5.72 8.84
C ASN A 58 -1.74 -5.67 7.32
N ILE A 59 -0.67 -5.86 6.58
CA ILE A 59 -0.83 -5.81 5.10
C ILE A 59 -1.39 -7.16 4.80
N ALA A 60 -2.64 -7.13 4.50
CA ALA A 60 -3.37 -8.38 4.19
C ALA A 60 -3.01 -8.78 2.76
N GLN A 61 -2.84 -7.78 1.94
CA GLN A 61 -2.46 -8.02 0.51
C GLN A 61 -1.46 -6.98 0.01
N VAL A 62 -0.92 -7.27 -1.14
CA VAL A 62 0.10 -6.35 -1.75
C VAL A 62 -0.42 -4.89 -1.72
N PRO A 63 0.38 -3.98 -1.25
CA PRO A 63 0.18 -2.54 -1.59
C PRO A 63 1.08 -2.25 -2.84
N ARG A 64 0.59 -1.43 -3.73
CA ARG A 64 1.30 -1.04 -4.97
C ARG A 64 1.25 0.47 -5.13
N VAL A 65 2.11 0.98 -5.97
CA VAL A 65 2.13 2.46 -6.18
C VAL A 65 0.86 3.07 -6.80
N GLY A 66 0.89 3.04 -8.09
CA GLY A 66 -0.23 3.60 -8.89
C GLY A 66 -1.34 2.66 -9.34
N MET A 1 12.86 1.68 -7.66
CA MET A 1 11.92 1.61 -6.51
C MET A 1 10.87 0.55 -6.88
N LYS A 2 10.03 0.22 -5.95
CA LYS A 2 8.95 -0.80 -6.15
C LYS A 2 7.61 -0.12 -6.24
N THR A 3 6.74 -0.85 -6.87
CA THR A 3 5.33 -0.41 -7.08
C THR A 3 4.35 -1.35 -6.42
N GLU A 4 4.94 -2.42 -5.98
CA GLU A 4 4.20 -3.50 -5.28
C GLU A 4 5.03 -3.89 -4.04
N TRP A 5 4.38 -4.20 -2.96
CA TRP A 5 5.15 -4.58 -1.74
C TRP A 5 4.94 -5.96 -1.10
N PRO A 6 5.04 -7.02 -1.86
CA PRO A 6 4.80 -8.38 -1.27
C PRO A 6 5.54 -8.53 0.07
N GLU A 7 6.73 -8.00 0.03
CA GLU A 7 7.72 -7.94 1.15
C GLU A 7 7.17 -7.76 2.57
N LEU A 8 6.14 -6.96 2.60
CA LEU A 8 5.48 -6.63 3.88
C LEU A 8 4.08 -7.16 4.12
N VAL A 9 3.63 -8.14 3.37
CA VAL A 9 2.25 -8.66 3.65
C VAL A 9 2.55 -9.51 4.90
N GLY A 10 1.73 -9.38 5.91
CA GLY A 10 1.95 -10.13 7.20
C GLY A 10 2.72 -9.22 8.19
N LYS A 11 2.92 -8.00 7.80
CA LYS A 11 3.65 -7.01 8.67
C LYS A 11 2.67 -5.94 9.15
N SER A 12 3.13 -5.04 9.98
CA SER A 12 2.22 -3.98 10.48
C SER A 12 2.24 -2.80 9.54
N VAL A 13 1.07 -2.29 9.31
CA VAL A 13 0.93 -1.13 8.41
C VAL A 13 1.96 -0.02 8.55
N GLU A 14 2.11 0.56 9.70
CA GLU A 14 3.11 1.64 9.88
C GLU A 14 4.47 1.15 9.28
N GLU A 15 4.92 -0.04 9.56
CA GLU A 15 6.22 -0.49 8.95
C GLU A 15 5.94 -0.53 7.43
N ALA A 16 4.93 -1.24 7.01
CA ALA A 16 4.67 -1.29 5.54
C ALA A 16 4.84 0.07 4.87
N LYS A 17 4.29 1.02 5.55
CA LYS A 17 4.32 2.42 5.10
C LYS A 17 5.75 2.84 5.07
N LYS A 18 6.45 2.68 6.17
CA LYS A 18 7.89 3.08 6.19
C LYS A 18 8.59 2.46 4.99
N VAL A 19 8.33 1.19 4.78
CA VAL A 19 8.96 0.47 3.62
C VAL A 19 8.58 1.15 2.30
N ILE A 20 7.31 1.31 2.11
CA ILE A 20 6.79 1.96 0.88
C ILE A 20 7.51 3.30 0.78
N LEU A 21 7.70 3.98 1.87
CA LEU A 21 8.43 5.29 1.76
C LEU A 21 9.89 4.93 1.40
N GLN A 22 10.45 3.89 1.99
CA GLN A 22 11.88 3.44 1.69
C GLN A 22 12.04 3.53 0.15
N ASP A 23 11.03 2.99 -0.49
CA ASP A 23 10.91 2.92 -1.98
C ASP A 23 10.55 4.24 -2.68
N LYS A 24 9.45 4.70 -2.21
CA LYS A 24 8.81 5.95 -2.66
C LYS A 24 8.65 6.91 -1.48
N PRO A 25 9.71 7.59 -1.07
CA PRO A 25 9.78 8.42 0.18
C PRO A 25 8.63 9.40 0.42
N GLU A 26 8.03 9.82 -0.65
CA GLU A 26 6.89 10.79 -0.65
C GLU A 26 5.52 10.09 -0.85
N ALA A 27 5.55 8.80 -1.03
CA ALA A 27 4.31 8.02 -1.23
C ALA A 27 3.12 8.42 -0.35
N GLN A 28 2.04 8.64 -1.03
CA GLN A 28 0.76 9.03 -0.41
C GLN A 28 0.17 7.62 -0.17
N ILE A 29 0.66 7.05 0.91
CA ILE A 29 0.27 5.69 1.39
C ILE A 29 -1.09 5.68 2.11
N ILE A 30 -2.01 5.32 1.29
CA ILE A 30 -3.48 5.19 1.55
C ILE A 30 -3.82 3.76 2.02
N VAL A 31 -5.03 3.55 2.46
CA VAL A 31 -5.50 2.22 2.94
C VAL A 31 -6.92 1.84 2.42
N LEU A 32 -7.12 0.55 2.26
CA LEU A 32 -8.41 -0.09 1.80
C LEU A 32 -8.47 -1.46 2.52
N GLU A 33 -9.42 -2.25 2.12
CA GLU A 33 -9.61 -3.61 2.71
C GLU A 33 -9.01 -4.63 1.70
N LYS A 34 -8.80 -5.84 2.15
CA LYS A 34 -8.21 -6.95 1.31
C LYS A 34 -8.46 -7.00 -0.23
N GLN A 35 -9.63 -7.44 -0.45
CA GLN A 35 -10.23 -7.61 -1.82
C GLN A 35 -11.32 -6.56 -2.12
N ALA A 36 -10.95 -5.34 -1.82
CA ALA A 36 -11.85 -4.16 -2.02
C ALA A 36 -11.52 -3.37 -3.29
N VAL A 37 -11.64 -2.09 -3.15
CA VAL A 37 -11.36 -1.19 -4.34
C VAL A 37 -9.96 -0.54 -4.47
N ASP A 38 -9.53 -0.52 -5.70
CA ASP A 38 -8.20 0.09 -6.08
C ASP A 38 -8.24 0.85 -7.42
N ASN A 39 -9.05 0.21 -8.19
CA ASN A 39 -9.46 0.52 -9.60
C ASN A 39 -10.47 1.60 -9.92
N ALA A 40 -11.47 1.74 -9.13
CA ALA A 40 -12.50 2.80 -9.39
C ALA A 40 -12.03 4.19 -8.90
N TYR A 41 -10.91 4.53 -9.47
CA TYR A 41 -10.19 5.80 -9.20
C TYR A 41 -10.12 6.84 -10.36
N ALA A 42 -9.02 7.51 -10.29
CA ALA A 42 -8.61 8.59 -11.23
C ALA A 42 -7.57 7.98 -12.20
N GLU A 43 -6.82 8.83 -12.85
CA GLU A 43 -5.76 8.32 -13.81
C GLU A 43 -4.65 7.66 -12.93
N TYR A 44 -3.75 6.89 -13.47
CA TYR A 44 -2.66 6.26 -12.59
C TYR A 44 -2.09 7.28 -11.61
N ARG A 45 -1.71 6.85 -10.45
CA ARG A 45 -1.16 7.84 -9.46
C ARG A 45 0.27 7.65 -8.96
N ILE A 46 1.26 7.73 -9.80
CA ILE A 46 2.71 7.56 -9.36
C ILE A 46 3.15 8.04 -7.92
N ASP A 47 2.34 8.86 -7.32
CA ASP A 47 2.55 9.45 -5.96
C ASP A 47 1.95 8.58 -4.82
N ARG A 48 0.85 7.95 -5.12
CA ARG A 48 0.11 7.07 -4.16
C ARG A 48 0.54 5.60 -4.12
N VAL A 49 0.04 4.96 -3.09
CA VAL A 49 0.23 3.51 -2.80
C VAL A 49 -0.96 3.25 -1.90
N ARG A 50 -1.80 2.31 -2.24
CA ARG A 50 -2.99 2.03 -1.36
C ARG A 50 -2.57 0.79 -0.57
N LEU A 51 -2.95 0.72 0.67
CA LEU A 51 -2.55 -0.47 1.48
C LEU A 51 -3.75 -1.36 1.81
N ALA A 52 -3.56 -2.64 1.59
CA ALA A 52 -4.64 -3.64 1.85
C ALA A 52 -4.34 -4.32 3.22
N VAL A 53 -4.87 -3.71 4.25
CA VAL A 53 -4.69 -4.21 5.67
C VAL A 53 -6.01 -4.78 6.18
N ASP A 54 -5.94 -5.40 7.33
CA ASP A 54 -7.18 -5.98 7.92
C ASP A 54 -7.66 -5.03 9.05
N LYS A 55 -8.24 -5.63 10.06
CA LYS A 55 -8.76 -4.91 11.23
C LYS A 55 -7.65 -4.65 12.25
N LEU A 56 -6.65 -5.48 12.18
CA LEU A 56 -5.47 -5.44 13.09
C LEU A 56 -4.29 -4.85 12.32
N ASP A 57 -4.66 -3.81 11.63
CA ASP A 57 -3.74 -3.01 10.78
C ASP A 57 -2.47 -3.71 10.25
N ASN A 58 -2.65 -4.94 9.84
CA ASN A 58 -1.50 -5.69 9.29
C ASN A 58 -1.86 -5.84 7.80
N ILE A 59 -0.80 -5.85 7.04
CA ILE A 59 -0.90 -5.96 5.56
C ILE A 59 -1.37 -7.31 5.14
N ALA A 60 -2.61 -7.25 4.75
CA ALA A 60 -3.35 -8.46 4.29
C ALA A 60 -2.92 -8.78 2.85
N GLN A 61 -2.66 -7.75 2.10
CA GLN A 61 -2.21 -7.94 0.68
C GLN A 61 -1.07 -7.05 0.20
N VAL A 62 -0.62 -7.39 -0.96
CA VAL A 62 0.48 -6.66 -1.63
C VAL A 62 -0.05 -5.26 -1.97
N PRO A 63 0.34 -4.25 -1.23
CA PRO A 63 -0.20 -2.89 -1.45
C PRO A 63 0.43 -2.41 -2.80
N ARG A 64 -0.25 -1.59 -3.54
CA ARG A 64 0.28 -1.10 -4.86
C ARG A 64 0.30 0.41 -5.06
N VAL A 65 1.12 0.87 -5.95
CA VAL A 65 1.23 2.37 -6.19
C VAL A 65 0.10 3.34 -6.58
N GLY A 66 0.05 3.63 -7.84
CA GLY A 66 -0.99 4.58 -8.32
C GLY A 66 -2.35 4.08 -8.70
N MET A 1 12.92 2.65 -6.61
CA MET A 1 11.85 2.64 -5.55
C MET A 1 11.06 1.34 -5.79
N LYS A 2 10.23 0.94 -4.86
CA LYS A 2 9.42 -0.31 -5.05
C LYS A 2 8.09 0.23 -5.50
N THR A 3 7.45 -0.64 -6.21
CA THR A 3 6.11 -0.35 -6.76
C THR A 3 5.08 -1.29 -6.21
N GLU A 4 5.60 -2.39 -5.74
CA GLU A 4 4.70 -3.43 -5.14
C GLU A 4 5.43 -3.88 -3.90
N TRP A 5 4.77 -4.15 -2.81
CA TRP A 5 5.53 -4.60 -1.60
C TRP A 5 5.18 -6.01 -1.10
N PRO A 6 5.52 -7.04 -1.87
CA PRO A 6 5.38 -8.45 -1.36
C PRO A 6 6.01 -8.40 0.06
N GLU A 7 7.17 -7.83 0.01
CA GLU A 7 8.13 -7.55 1.14
C GLU A 7 7.41 -7.10 2.47
N LEU A 8 6.22 -6.60 2.29
CA LEU A 8 5.37 -6.11 3.43
C LEU A 8 4.15 -6.90 3.86
N VAL A 9 3.82 -8.00 3.25
CA VAL A 9 2.60 -8.72 3.74
C VAL A 9 2.83 -9.24 5.18
N GLY A 10 1.74 -9.39 5.88
CA GLY A 10 1.81 -9.89 7.31
C GLY A 10 2.59 -8.93 8.22
N LYS A 11 2.61 -7.68 7.84
CA LYS A 11 3.34 -6.66 8.66
C LYS A 11 2.41 -5.57 9.14
N SER A 12 2.83 -4.81 10.11
CA SER A 12 1.92 -3.74 10.60
C SER A 12 1.90 -2.67 9.54
N VAL A 13 0.71 -2.23 9.27
CA VAL A 13 0.61 -1.18 8.23
C VAL A 13 1.64 -0.07 8.50
N GLU A 14 1.72 0.46 9.68
CA GLU A 14 2.73 1.52 9.94
C GLU A 14 4.11 1.09 9.44
N GLU A 15 4.55 -0.10 9.74
CA GLU A 15 5.88 -0.49 9.22
C GLU A 15 5.79 -0.51 7.69
N ALA A 16 4.75 -1.10 7.17
CA ALA A 16 4.59 -1.14 5.70
C ALA A 16 4.77 0.27 5.15
N LYS A 17 4.09 1.21 5.75
CA LYS A 17 4.17 2.62 5.30
C LYS A 17 5.66 2.99 5.36
N LYS A 18 6.30 2.80 6.47
CA LYS A 18 7.75 3.14 6.55
C LYS A 18 8.54 2.56 5.36
N VAL A 19 8.27 1.31 5.11
CA VAL A 19 8.94 0.60 3.99
C VAL A 19 8.62 1.25 2.67
N ILE A 20 7.35 1.47 2.47
CA ILE A 20 6.87 2.10 1.22
C ILE A 20 7.57 3.42 1.08
N LEU A 21 7.73 4.13 2.16
CA LEU A 21 8.44 5.45 2.10
C LEU A 21 9.93 5.18 1.87
N GLN A 22 10.49 4.22 2.52
CA GLN A 22 11.93 3.88 2.36
C GLN A 22 12.22 3.66 0.86
N ASP A 23 11.37 2.88 0.28
CA ASP A 23 11.45 2.53 -1.15
C ASP A 23 11.03 3.72 -2.01
N LYS A 24 9.89 4.21 -1.65
CA LYS A 24 9.24 5.35 -2.32
C LYS A 24 8.90 6.54 -1.36
N PRO A 25 9.88 7.35 -1.01
CA PRO A 25 9.67 8.49 -0.06
C PRO A 25 8.48 9.37 -0.46
N GLU A 26 8.24 9.33 -1.75
CA GLU A 26 7.15 10.08 -2.44
C GLU A 26 5.76 9.52 -2.09
N ALA A 27 5.72 8.26 -1.82
CA ALA A 27 4.47 7.54 -1.49
C ALA A 27 3.39 8.15 -0.57
N GLN A 28 2.33 8.51 -1.25
CA GLN A 28 1.11 9.10 -0.66
C GLN A 28 0.35 7.74 -0.59
N ILE A 29 0.71 7.06 0.45
CA ILE A 29 0.17 5.71 0.80
C ILE A 29 -1.36 5.85 0.88
N ILE A 30 -2.01 4.95 0.21
CA ILE A 30 -3.51 4.92 0.15
C ILE A 30 -4.00 3.65 0.82
N VAL A 31 -4.10 3.69 2.10
CA VAL A 31 -4.56 2.49 2.84
C VAL A 31 -6.08 2.19 2.85
N LEU A 32 -6.42 1.00 2.41
CA LEU A 32 -7.81 0.47 2.32
C LEU A 32 -7.67 -0.95 2.91
N GLU A 33 -8.73 -1.69 2.93
CA GLU A 33 -8.64 -3.07 3.48
C GLU A 33 -8.37 -4.10 2.36
N LYS A 34 -8.76 -5.31 2.67
CA LYS A 34 -8.66 -6.53 1.79
C LYS A 34 -8.95 -6.16 0.32
N GLN A 35 -8.69 -7.06 -0.58
CA GLN A 35 -8.91 -6.84 -2.07
C GLN A 35 -10.22 -6.11 -2.52
N ALA A 36 -10.32 -4.86 -2.17
CA ALA A 36 -11.50 -3.98 -2.50
C ALA A 36 -11.10 -2.92 -3.56
N VAL A 37 -11.58 -3.03 -4.77
CA VAL A 37 -11.18 -1.98 -5.80
C VAL A 37 -12.33 -1.18 -6.42
N ASP A 38 -13.44 -1.43 -5.81
CA ASP A 38 -14.77 -0.81 -6.12
C ASP A 38 -14.83 0.68 -5.63
N ASN A 39 -13.70 1.28 -5.82
CA ASN A 39 -13.37 2.70 -5.50
C ASN A 39 -12.38 3.16 -6.60
N ALA A 40 -12.56 2.52 -7.73
CA ALA A 40 -11.76 2.74 -8.96
C ALA A 40 -11.88 4.19 -9.48
N TYR A 41 -11.19 5.01 -8.74
CA TYR A 41 -11.07 6.47 -8.93
C TYR A 41 -10.06 6.87 -10.02
N ALA A 42 -9.71 8.12 -10.04
CA ALA A 42 -8.73 8.60 -11.05
C ALA A 42 -7.50 7.68 -11.25
N GLU A 43 -7.07 7.74 -12.49
CA GLU A 43 -5.91 6.98 -13.04
C GLU A 43 -4.61 6.89 -12.23
N TYR A 44 -3.76 6.05 -12.78
CA TYR A 44 -2.43 5.77 -12.20
C TYR A 44 -1.67 7.02 -11.71
N ARG A 45 -1.29 6.91 -10.48
CA ARG A 45 -0.54 8.04 -9.85
C ARG A 45 0.78 7.51 -9.31
N ILE A 46 1.83 7.76 -10.02
CA ILE A 46 3.17 7.29 -9.58
C ILE A 46 3.61 7.82 -8.20
N ASP A 47 2.77 8.59 -7.58
CA ASP A 47 3.09 9.15 -6.24
C ASP A 47 2.22 8.46 -5.16
N ARG A 48 1.21 7.74 -5.57
CA ARG A 48 0.33 7.05 -4.55
C ARG A 48 0.64 5.56 -4.30
N VAL A 49 0.28 5.05 -3.14
CA VAL A 49 0.54 3.58 -2.83
C VAL A 49 -0.64 2.89 -2.11
N ARG A 50 -1.53 2.37 -2.91
CA ARG A 50 -2.73 1.64 -2.40
C ARG A 50 -2.28 0.55 -1.43
N LEU A 51 -2.74 0.55 -0.21
CA LEU A 51 -2.34 -0.49 0.79
C LEU A 51 -3.57 -1.34 1.09
N ALA A 52 -3.41 -2.62 1.12
CA ALA A 52 -4.56 -3.52 1.41
C ALA A 52 -4.27 -4.25 2.75
N VAL A 53 -4.82 -3.72 3.80
CA VAL A 53 -4.65 -4.28 5.17
C VAL A 53 -5.97 -4.98 5.55
N ASP A 54 -6.00 -5.58 6.70
CA ASP A 54 -7.23 -6.28 7.16
C ASP A 54 -7.84 -5.43 8.31
N LYS A 55 -8.43 -6.14 9.22
CA LYS A 55 -9.08 -5.56 10.41
C LYS A 55 -8.09 -5.27 11.56
N LEU A 56 -6.92 -5.82 11.46
CA LEU A 56 -5.84 -5.67 12.49
C LEU A 56 -4.62 -5.02 11.82
N ASP A 57 -4.97 -3.97 11.14
CA ASP A 57 -4.02 -3.11 10.36
C ASP A 57 -2.73 -3.83 9.88
N ASN A 58 -2.88 -5.06 9.48
CA ASN A 58 -1.69 -5.82 9.00
C ASN A 58 -1.95 -6.04 7.50
N ILE A 59 -0.86 -5.87 6.79
CA ILE A 59 -0.87 -6.02 5.31
C ILE A 59 -1.40 -7.38 4.89
N ALA A 60 -2.57 -7.26 4.33
CA ALA A 60 -3.34 -8.43 3.82
C ALA A 60 -2.75 -8.84 2.48
N GLN A 61 -2.42 -7.83 1.72
CA GLN A 61 -1.83 -8.12 0.38
C GLN A 61 -0.61 -7.34 0.02
N VAL A 62 -0.14 -7.67 -1.15
CA VAL A 62 1.06 -7.00 -1.69
C VAL A 62 0.54 -5.60 -2.03
N PRO A 63 0.86 -4.59 -1.25
CA PRO A 63 0.28 -3.25 -1.48
C PRO A 63 1.09 -2.75 -2.69
N ARG A 64 0.55 -1.83 -3.42
CA ARG A 64 1.25 -1.31 -4.63
C ARG A 64 1.11 0.20 -4.79
N VAL A 65 1.76 0.75 -5.77
CA VAL A 65 1.66 2.24 -5.97
C VAL A 65 0.26 2.84 -6.34
N GLY A 66 0.16 3.23 -7.58
CA GLY A 66 -1.07 3.85 -8.16
C GLY A 66 -2.11 2.94 -8.80
N MET A 1 13.56 0.79 -7.66
CA MET A 1 12.97 0.71 -6.27
C MET A 1 11.68 -0.10 -6.44
N LYS A 2 10.92 -0.32 -5.39
CA LYS A 2 9.64 -1.10 -5.52
C LYS A 2 8.41 -0.24 -5.62
N THR A 3 7.51 -0.91 -6.27
CA THR A 3 6.14 -0.40 -6.57
C THR A 3 5.13 -1.33 -5.94
N GLU A 4 5.67 -2.38 -5.37
CA GLU A 4 4.83 -3.37 -4.70
C GLU A 4 5.61 -3.78 -3.43
N TRP A 5 4.84 -4.22 -2.49
CA TRP A 5 5.46 -4.66 -1.21
C TRP A 5 4.99 -6.04 -0.77
N PRO A 6 5.29 -7.04 -1.59
CA PRO A 6 5.12 -8.48 -1.17
C PRO A 6 5.80 -8.54 0.20
N GLU A 7 6.98 -8.01 0.15
CA GLU A 7 7.96 -7.84 1.25
C GLU A 7 7.26 -7.34 2.57
N LEU A 8 6.15 -6.67 2.37
CA LEU A 8 5.33 -6.12 3.50
C LEU A 8 4.09 -6.90 3.92
N VAL A 9 3.65 -7.88 3.17
CA VAL A 9 2.43 -8.64 3.60
C VAL A 9 2.81 -9.22 4.98
N GLY A 10 1.86 -9.30 5.87
CA GLY A 10 2.19 -9.85 7.22
C GLY A 10 2.91 -8.82 8.12
N LYS A 11 3.04 -7.58 7.69
CA LYS A 11 3.74 -6.55 8.55
C LYS A 11 2.70 -5.52 9.07
N SER A 12 3.06 -4.70 10.06
CA SER A 12 2.03 -3.71 10.54
C SER A 12 1.96 -2.64 9.49
N VAL A 13 0.81 -2.07 9.44
CA VAL A 13 0.69 -0.99 8.45
C VAL A 13 1.69 0.17 8.65
N GLU A 14 1.95 0.68 9.83
CA GLU A 14 2.93 1.80 9.95
C GLU A 14 4.26 1.31 9.40
N GLU A 15 4.64 0.12 9.74
CA GLU A 15 5.95 -0.38 9.20
C GLU A 15 5.81 -0.38 7.69
N ALA A 16 4.77 -1.01 7.20
CA ALA A 16 4.58 -1.03 5.73
C ALA A 16 4.78 0.38 5.19
N LYS A 17 4.13 1.33 5.76
CA LYS A 17 4.28 2.74 5.29
C LYS A 17 5.77 3.10 5.30
N LYS A 18 6.39 2.94 6.44
CA LYS A 18 7.83 3.24 6.64
C LYS A 18 8.68 2.60 5.54
N VAL A 19 8.28 1.41 5.16
CA VAL A 19 8.97 0.63 4.09
C VAL A 19 8.61 1.21 2.71
N ILE A 20 7.35 1.39 2.46
CA ILE A 20 6.90 1.96 1.16
C ILE A 20 7.67 3.25 0.99
N LEU A 21 7.82 3.99 2.06
CA LEU A 21 8.60 5.25 1.96
C LEU A 21 10.04 4.88 1.62
N GLN A 22 10.58 3.83 2.21
CA GLN A 22 11.98 3.44 1.88
C GLN A 22 12.12 3.27 0.34
N ASP A 23 11.15 2.62 -0.23
CA ASP A 23 11.12 2.37 -1.69
C ASP A 23 10.85 3.65 -2.48
N LYS A 24 9.78 4.25 -2.07
CA LYS A 24 9.26 5.47 -2.65
C LYS A 24 8.99 6.54 -1.54
N PRO A 25 10.03 7.24 -1.14
CA PRO A 25 9.92 8.33 -0.11
C PRO A 25 8.80 9.33 -0.47
N GLU A 26 8.66 9.51 -1.74
CA GLU A 26 7.66 10.42 -2.38
C GLU A 26 6.23 9.84 -2.34
N ALA A 27 6.07 8.69 -1.75
CA ALA A 27 4.72 8.07 -1.67
C ALA A 27 3.74 8.55 -0.57
N GLN A 28 2.51 8.77 -0.97
CA GLN A 28 1.45 9.21 -0.04
C GLN A 28 0.87 7.80 0.14
N ILE A 29 0.89 7.35 1.35
CA ILE A 29 0.39 6.00 1.66
C ILE A 29 -1.07 6.02 2.09
N ILE A 30 -1.86 5.46 1.23
CA ILE A 30 -3.34 5.35 1.39
C ILE A 30 -3.72 3.96 1.91
N VAL A 31 -4.76 3.82 2.67
CA VAL A 31 -5.17 2.48 3.19
C VAL A 31 -6.63 2.03 2.89
N LEU A 32 -6.75 0.83 2.41
CA LEU A 32 -8.05 0.16 2.04
C LEU A 32 -7.90 -1.28 2.62
N GLU A 33 -8.83 -2.15 2.28
CA GLU A 33 -8.78 -3.57 2.76
C GLU A 33 -8.36 -4.41 1.53
N LYS A 34 -8.69 -5.65 1.51
CA LYS A 34 -8.34 -6.52 0.33
C LYS A 34 -8.87 -5.72 -0.89
N GLN A 35 -8.27 -5.79 -2.06
CA GLN A 35 -8.76 -5.01 -3.25
C GLN A 35 -10.31 -4.90 -3.51
N ALA A 36 -11.00 -4.20 -2.64
CA ALA A 36 -12.48 -3.99 -2.76
C ALA A 36 -12.86 -2.56 -3.19
N VAL A 37 -11.84 -1.91 -3.66
CA VAL A 37 -11.93 -0.48 -4.14
C VAL A 37 -11.29 -0.27 -5.51
N ASP A 38 -11.17 -1.37 -6.15
CA ASP A 38 -10.58 -1.47 -7.50
C ASP A 38 -11.80 -1.36 -8.47
N ASN A 39 -12.57 -0.35 -8.14
CA ASN A 39 -13.83 0.01 -8.85
C ASN A 39 -14.06 1.51 -9.09
N ALA A 40 -14.11 2.21 -8.01
CA ALA A 40 -14.34 3.69 -8.04
C ALA A 40 -13.01 4.46 -7.85
N TYR A 41 -12.11 4.17 -8.74
CA TYR A 41 -10.76 4.82 -8.71
C TYR A 41 -10.58 5.85 -9.84
N ALA A 42 -9.44 6.49 -9.84
CA ALA A 42 -9.16 7.50 -10.88
C ALA A 42 -8.11 6.89 -11.83
N GLU A 43 -7.27 7.78 -12.23
CA GLU A 43 -6.13 7.48 -13.14
C GLU A 43 -5.02 6.92 -12.23
N TYR A 44 -3.83 6.92 -12.74
CA TYR A 44 -2.66 6.41 -11.97
C TYR A 44 -1.81 7.58 -11.42
N ARG A 45 -1.82 7.77 -10.14
CA ARG A 45 -1.02 8.88 -9.59
C ARG A 45 0.21 8.21 -9.02
N ILE A 46 1.28 8.24 -9.76
CA ILE A 46 2.56 7.60 -9.30
C ILE A 46 3.01 7.97 -7.90
N ASP A 47 2.46 9.02 -7.37
CA ASP A 47 2.80 9.52 -5.99
C ASP A 47 1.99 8.80 -4.90
N ARG A 48 1.04 8.00 -5.31
CA ARG A 48 0.21 7.27 -4.30
C ARG A 48 0.49 5.78 -4.24
N VAL A 49 0.35 5.26 -3.05
CA VAL A 49 0.56 3.79 -2.77
C VAL A 49 -0.71 3.42 -2.01
N ARG A 50 -1.36 2.36 -2.40
CA ARG A 50 -2.61 1.95 -1.70
C ARG A 50 -2.21 0.74 -0.87
N LEU A 51 -2.58 0.76 0.37
CA LEU A 51 -2.23 -0.38 1.26
C LEU A 51 -3.49 -1.20 1.49
N ALA A 52 -3.33 -2.50 1.48
CA ALA A 52 -4.50 -3.40 1.68
C ALA A 52 -4.25 -4.13 3.03
N VAL A 53 -4.81 -3.60 4.07
CA VAL A 53 -4.66 -4.19 5.44
C VAL A 53 -5.98 -4.83 5.85
N ASP A 54 -5.98 -5.60 6.90
CA ASP A 54 -7.27 -6.23 7.33
C ASP A 54 -7.86 -5.41 8.50
N LYS A 55 -8.50 -6.13 9.37
CA LYS A 55 -9.13 -5.53 10.55
C LYS A 55 -8.07 -5.34 11.64
N LEU A 56 -6.95 -5.99 11.47
CA LEU A 56 -5.82 -5.91 12.44
C LEU A 56 -4.64 -5.18 11.81
N ASP A 57 -5.03 -4.15 11.13
CA ASP A 57 -4.11 -3.22 10.42
C ASP A 57 -2.73 -3.81 10.01
N ASN A 58 -2.77 -5.04 9.56
CA ASN A 58 -1.52 -5.72 9.12
C ASN A 58 -1.79 -5.92 7.63
N ILE A 59 -0.72 -5.84 6.89
CA ILE A 59 -0.84 -5.99 5.42
C ILE A 59 -1.37 -7.34 5.02
N ALA A 60 -2.58 -7.22 4.56
CA ALA A 60 -3.37 -8.39 4.07
C ALA A 60 -2.89 -8.69 2.65
N GLN A 61 -2.70 -7.64 1.92
CA GLN A 61 -2.23 -7.84 0.51
C GLN A 61 -1.05 -7.03 0.04
N VAL A 62 -0.48 -7.57 -0.99
CA VAL A 62 0.70 -6.97 -1.67
C VAL A 62 0.32 -5.54 -2.08
N PRO A 63 0.70 -4.56 -1.31
CA PRO A 63 0.21 -3.18 -1.53
C PRO A 63 1.06 -2.76 -2.75
N ARG A 64 0.55 -1.79 -3.45
CA ARG A 64 1.25 -1.29 -4.67
C ARG A 64 1.13 0.20 -4.79
N VAL A 65 1.80 0.79 -5.75
CA VAL A 65 1.70 2.28 -5.89
C VAL A 65 0.28 2.84 -6.19
N GLY A 66 0.08 3.29 -7.39
CA GLY A 66 -1.25 3.89 -7.76
C GLY A 66 -2.29 2.92 -8.29
N MET A 1 13.86 0.66 -6.96
CA MET A 1 13.20 0.52 -5.63
C MET A 1 11.82 -0.15 -5.83
N LYS A 2 11.05 -0.34 -4.79
CA LYS A 2 9.71 -0.98 -4.91
C LYS A 2 8.55 -0.06 -5.26
N THR A 3 7.67 -0.76 -5.90
CA THR A 3 6.37 -0.27 -6.44
C THR A 3 5.25 -1.18 -6.00
N GLU A 4 5.59 -2.38 -5.63
CA GLU A 4 4.52 -3.32 -5.19
C GLU A 4 5.23 -3.84 -3.97
N TRP A 5 4.49 -4.13 -2.94
CA TRP A 5 5.14 -4.63 -1.71
C TRP A 5 4.81 -6.03 -1.19
N PRO A 6 5.18 -7.06 -1.94
CA PRO A 6 4.97 -8.46 -1.44
C PRO A 6 5.69 -8.58 -0.08
N GLU A 7 6.90 -8.12 -0.18
CA GLU A 7 7.94 -8.03 0.90
C GLU A 7 7.41 -7.73 2.34
N LEU A 8 6.30 -7.03 2.39
CA LEU A 8 5.70 -6.66 3.71
C LEU A 8 4.28 -7.21 4.01
N VAL A 9 3.76 -8.19 3.31
CA VAL A 9 2.38 -8.66 3.67
C VAL A 9 2.56 -9.53 4.96
N GLY A 10 1.61 -9.46 5.85
CA GLY A 10 1.65 -10.23 7.15
C GLY A 10 2.43 -9.43 8.19
N LYS A 11 2.59 -8.17 7.91
CA LYS A 11 3.34 -7.21 8.80
C LYS A 11 2.46 -6.03 9.24
N SER A 12 3.01 -5.05 9.92
CA SER A 12 2.15 -3.88 10.35
C SER A 12 2.11 -2.82 9.24
N VAL A 13 1.13 -1.98 9.32
CA VAL A 13 0.97 -0.90 8.31
C VAL A 13 1.98 0.16 8.56
N GLU A 14 2.06 0.76 9.69
CA GLU A 14 3.10 1.80 9.82
C GLU A 14 4.45 1.25 9.35
N GLU A 15 4.74 0.02 9.59
CA GLU A 15 6.03 -0.52 9.12
C GLU A 15 5.87 -0.62 7.59
N ALA A 16 4.95 -1.37 7.08
CA ALA A 16 4.74 -1.51 5.62
C ALA A 16 4.93 -0.22 4.83
N LYS A 17 4.35 0.76 5.43
CA LYS A 17 4.34 2.13 4.93
C LYS A 17 5.77 2.62 5.14
N LYS A 18 6.35 2.53 6.31
CA LYS A 18 7.77 3.01 6.48
C LYS A 18 8.57 2.38 5.33
N VAL A 19 8.27 1.13 5.06
CA VAL A 19 9.00 0.43 3.95
C VAL A 19 8.64 1.23 2.68
N ILE A 20 7.40 1.18 2.30
CA ILE A 20 6.90 1.91 1.10
C ILE A 20 7.54 3.29 0.98
N LEU A 21 7.73 3.98 2.07
CA LEU A 21 8.38 5.33 2.02
C LEU A 21 9.85 5.04 1.74
N GLN A 22 10.46 4.12 2.41
CA GLN A 22 11.91 3.80 2.17
C GLN A 22 12.12 3.69 0.64
N ASP A 23 11.21 2.96 0.07
CA ASP A 23 11.17 2.68 -1.38
C ASP A 23 10.85 3.90 -2.22
N LYS A 24 9.69 4.36 -1.90
CA LYS A 24 9.05 5.52 -2.53
C LYS A 24 8.82 6.62 -1.47
N PRO A 25 9.86 7.30 -1.02
CA PRO A 25 9.78 8.33 0.07
C PRO A 25 8.58 9.27 -0.03
N GLU A 26 8.33 9.59 -1.27
CA GLU A 26 7.24 10.48 -1.76
C GLU A 26 5.82 9.91 -1.61
N ALA A 27 5.77 8.62 -1.61
CA ALA A 27 4.51 7.85 -1.52
C ALA A 27 3.36 8.34 -0.62
N GLN A 28 2.28 8.74 -1.24
CA GLN A 28 1.11 9.20 -0.45
C GLN A 28 0.40 7.84 -0.26
N ILE A 29 0.90 7.22 0.78
CA ILE A 29 0.44 5.87 1.22
C ILE A 29 -1.00 5.93 1.77
N ILE A 30 -1.89 5.51 0.93
CA ILE A 30 -3.35 5.46 1.18
C ILE A 30 -3.75 4.07 1.68
N VAL A 31 -4.81 3.94 2.45
CA VAL A 31 -5.22 2.61 2.98
C VAL A 31 -6.65 2.11 2.61
N LEU A 32 -6.74 0.87 2.20
CA LEU A 32 -8.04 0.20 1.80
C LEU A 32 -8.04 -1.21 2.49
N GLU A 33 -8.96 -2.05 2.11
CA GLU A 33 -9.05 -3.43 2.69
C GLU A 33 -8.23 -4.32 1.71
N LYS A 34 -8.67 -5.53 1.58
CA LYS A 34 -8.02 -6.53 0.69
C LYS A 34 -8.14 -5.94 -0.75
N GLN A 35 -7.58 -6.56 -1.76
CA GLN A 35 -7.66 -6.00 -3.16
C GLN A 35 -9.04 -5.42 -3.66
N ALA A 36 -9.44 -4.32 -3.08
CA ALA A 36 -10.72 -3.65 -3.43
C ALA A 36 -10.46 -2.48 -4.40
N VAL A 37 -10.25 -2.86 -5.64
CA VAL A 37 -10.00 -1.88 -6.73
C VAL A 37 -10.99 -2.07 -7.88
N ASP A 38 -11.81 -1.07 -8.04
CA ASP A 38 -12.84 -1.06 -9.11
C ASP A 38 -12.79 0.37 -9.71
N ASN A 39 -13.55 0.62 -10.74
CA ASN A 39 -13.54 1.99 -11.37
C ASN A 39 -14.62 2.83 -10.65
N ALA A 40 -14.37 2.74 -9.36
CA ALA A 40 -15.09 3.37 -8.22
C ALA A 40 -14.29 4.57 -7.69
N TYR A 41 -13.02 4.29 -7.63
CA TYR A 41 -11.98 5.24 -7.13
C TYR A 41 -11.10 5.85 -8.23
N ALA A 42 -10.21 6.68 -7.78
CA ALA A 42 -9.24 7.40 -8.66
C ALA A 42 -8.50 6.59 -9.78
N GLU A 43 -7.64 7.33 -10.41
CA GLU A 43 -6.78 6.90 -11.54
C GLU A 43 -5.41 6.44 -11.04
N TYR A 44 -4.43 6.45 -11.88
CA TYR A 44 -3.08 6.02 -11.44
C TYR A 44 -2.25 7.28 -11.16
N ARG A 45 -1.63 7.26 -10.04
CA ARG A 45 -0.77 8.37 -9.58
C ARG A 45 0.57 7.78 -9.19
N ILE A 46 1.54 7.79 -10.03
CA ILE A 46 2.88 7.20 -9.65
C ILE A 46 3.54 7.74 -8.33
N ASP A 47 2.82 8.50 -7.58
CA ASP A 47 3.26 9.11 -6.29
C ASP A 47 2.41 8.56 -5.10
N ARG A 48 1.36 7.84 -5.44
CA ARG A 48 0.39 7.21 -4.46
C ARG A 48 0.50 5.69 -4.29
N VAL A 49 0.43 5.25 -3.07
CA VAL A 49 0.53 3.76 -2.82
C VAL A 49 -0.72 3.39 -2.06
N ARG A 50 -1.47 2.44 -2.53
CA ARG A 50 -2.72 2.04 -1.81
C ARG A 50 -2.29 0.86 -0.92
N LEU A 51 -2.73 0.83 0.30
CA LEU A 51 -2.32 -0.31 1.20
C LEU A 51 -3.51 -1.23 1.48
N ALA A 52 -3.28 -2.52 1.57
CA ALA A 52 -4.41 -3.46 1.84
C ALA A 52 -4.17 -4.09 3.24
N VAL A 53 -4.73 -3.44 4.22
CA VAL A 53 -4.61 -3.90 5.64
C VAL A 53 -5.89 -4.50 6.17
N ASP A 54 -5.80 -5.17 7.28
CA ASP A 54 -7.03 -5.77 7.86
C ASP A 54 -7.55 -4.94 9.03
N LYS A 55 -8.13 -5.68 9.93
CA LYS A 55 -8.74 -5.16 11.17
C LYS A 55 -7.64 -4.91 12.24
N LEU A 56 -6.44 -5.33 11.95
CA LEU A 56 -5.29 -5.16 12.90
C LEU A 56 -4.18 -4.40 12.20
N ASP A 57 -4.58 -3.37 11.53
CA ASP A 57 -3.63 -2.49 10.76
C ASP A 57 -2.37 -3.24 10.24
N ASN A 58 -2.56 -4.49 9.84
CA ASN A 58 -1.42 -5.30 9.31
C ASN A 58 -1.73 -5.39 7.84
N ILE A 59 -0.71 -5.63 7.08
CA ILE A 59 -0.87 -5.73 5.61
C ILE A 59 -1.38 -7.09 5.30
N ALA A 60 -2.63 -7.04 4.96
CA ALA A 60 -3.37 -8.27 4.60
C ALA A 60 -2.92 -8.62 3.18
N GLN A 61 -2.75 -7.63 2.36
CA GLN A 61 -2.29 -7.92 0.96
C GLN A 61 -1.33 -6.90 0.36
N VAL A 62 -0.65 -7.36 -0.66
CA VAL A 62 0.36 -6.55 -1.42
C VAL A 62 -0.16 -5.15 -1.73
N PRO A 63 0.38 -4.14 -1.11
CA PRO A 63 -0.02 -2.76 -1.46
C PRO A 63 0.88 -2.44 -2.70
N ARG A 64 0.42 -1.58 -3.56
CA ARG A 64 1.19 -1.20 -4.78
C ARG A 64 1.02 0.28 -5.15
N VAL A 65 1.85 0.76 -6.06
CA VAL A 65 1.69 2.19 -6.46
C VAL A 65 0.52 2.22 -7.47
N GLY A 66 -0.37 3.07 -7.12
CA GLY A 66 -1.60 3.33 -7.90
C GLY A 66 -2.37 4.62 -7.68
#